data_4XRG
#
_entry.id   4XRG
#
_cell.length_a   60.035
_cell.length_b   110.233
_cell.length_c   157.474
_cell.angle_alpha   90.000
_cell.angle_beta   90.000
_cell.angle_gamma   90.000
#
_symmetry.space_group_name_H-M   'P 2 21 21'
#
loop_
_entity.id
_entity.type
_entity.pdbx_description
1 polymer 'Homospermidine synthase'
2 non-polymer NICOTINAMIDE-ADENINE-DINUCLEOTIDE
3 non-polymer AGMATINE
4 non-polymer 1,4-DIAMINOBUTANE
5 non-polymer 3-PYRIDINIUM-1-YLPROPANE-1-SULFONATE
6 non-polymer 'ACETATE ION'
7 water water
#
_entity_poly.entity_id   1
_entity_poly.type   'polypeptide(L)'
_entity_poly.pdbx_seq_one_letter_code
;DWPVYHRIDGPIVMIGFGSIGRGTLPLIERHFAFDRSKLVVIDPSDEARKLAEARGVRFIQQAVTRDNYRELLVPLLTAG
PGQGFCVNLSVDTSSLDIMELARENGALYIDTVVEPWLGFYFDPDLKPEARSNYALRETVLAARRNKPGGTTAVSCCGAN
PGMVSWFVKQALVNLAADLGVTGEEPTTREEWARLAMDLGVKGIHIAERDTQRASFPKPFDVFVNTWSVEGFVSEGLQPA
ELGWGTFERWMPDNARGHDSGCGAGIYLLQPGANTRVRSWTPTAMAQYGFLVTSNESISIADFLTVRDAAGQAVYRPTCH
YAYHPCNDAVLSLHEMFGSGKRQSDWRILDETEIVDGIDELGVLLYGHGKNAYWYGSQLSIEETRRIAPDQNATGLQVSS
AVLAGMVWALENPNAGIVEADDLDFRRCLEVQTPYLGPVVGVYTDWTPLAGRPGLFPEDIDTSDPWQFRNVLVR
;
_entity_poly.pdbx_strand_id   A,B
#
loop_
_chem_comp.id
_chem_comp.type
_chem_comp.name
_chem_comp.formula
1PS non-polymer 3-PYRIDINIUM-1-YLPROPANE-1-SULFONATE 'C8 H11 N O3 S'
ACT non-polymer 'ACETATE ION' 'C2 H3 O2 -1'
AG2 non-polymer AGMATINE 'C5 H14 N4'
NAD non-polymer NICOTINAMIDE-ADENINE-DINUCLEOTIDE 'C21 H27 N7 O14 P2'
PUT non-polymer 1,4-DIAMINOBUTANE 'C4 H12 N2'
#
# COMPACT_ATOMS: atom_id res chain seq x y z
N ASP A 1 -22.05 4.94 39.27
CA ASP A 1 -21.40 3.66 39.03
CA ASP A 1 -21.29 3.75 38.93
C ASP A 1 -21.84 3.09 37.68
N TRP A 2 -21.13 2.07 37.19
CA TRP A 2 -21.49 1.39 35.96
C TRP A 2 -22.83 0.65 36.11
N PRO A 3 -23.71 0.76 35.11
CA PRO A 3 -24.99 0.04 35.17
C PRO A 3 -24.85 -1.48 35.12
N VAL A 4 -25.56 -2.17 36.00
CA VAL A 4 -25.68 -3.61 35.91
C VAL A 4 -27.01 -3.90 35.23
N TYR A 5 -26.93 -4.47 34.03
CA TYR A 5 -28.10 -4.57 33.18
C TYR A 5 -29.00 -5.74 33.51
N HIS A 6 -28.44 -6.85 33.96
CA HIS A 6 -29.21 -8.09 34.06
C HIS A 6 -28.42 -9.08 34.87
N ARG A 7 -29.14 -10.03 35.47
CA ARG A 7 -28.53 -11.18 36.09
C ARG A 7 -28.46 -12.31 35.07
N ILE A 8 -27.31 -12.97 34.97
CA ILE A 8 -27.21 -14.18 34.20
C ILE A 8 -27.29 -15.35 35.18
N ASP A 9 -28.32 -16.17 35.01
CA ASP A 9 -28.69 -17.16 36.02
C ASP A 9 -28.12 -18.54 35.66
N GLY A 10 -27.05 -18.56 34.90
CA GLY A 10 -26.44 -19.82 34.48
C GLY A 10 -24.99 -19.63 34.04
N PRO A 11 -24.39 -20.68 33.47
CA PRO A 11 -22.98 -20.62 33.07
C PRO A 11 -22.76 -19.59 31.97
N ILE A 12 -21.61 -18.90 32.02
CA ILE A 12 -21.17 -18.05 30.93
C ILE A 12 -19.92 -18.74 30.40
N VAL A 13 -20.03 -19.25 29.19
CA VAL A 13 -18.95 -19.96 28.54
C VAL A 13 -18.41 -19.08 27.42
N MET A 14 -17.21 -18.55 27.62
CA MET A 14 -16.58 -17.72 26.62
CA MET A 14 -16.57 -17.71 26.63
C MET A 14 -15.64 -18.57 25.81
N ILE A 15 -15.91 -18.71 24.52
CA ILE A 15 -15.07 -19.48 23.62
C ILE A 15 -14.15 -18.51 22.91
N GLY A 16 -12.86 -18.61 23.22
CA GLY A 16 -11.88 -17.68 22.70
C GLY A 16 -11.52 -16.58 23.64
N PHE A 17 -10.22 -16.39 23.80
CA PHE A 17 -9.71 -15.36 24.68
C PHE A 17 -8.54 -14.66 24.04
N GLY A 18 -8.82 -14.17 22.85
CA GLY A 18 -7.88 -13.35 22.12
C GLY A 18 -8.20 -11.90 22.36
N SER A 19 -7.97 -11.04 21.37
CA SER A 19 -8.07 -9.61 21.64
C SER A 19 -9.50 -9.23 22.03
N ILE A 20 -10.49 -9.86 21.42
CA ILE A 20 -11.87 -9.49 21.71
C ILE A 20 -12.35 -10.13 23.01
N GLY A 21 -12.03 -11.40 23.21
CA GLY A 21 -12.38 -12.06 24.46
C GLY A 21 -11.80 -11.32 25.66
N ARG A 22 -10.55 -10.86 25.55
CA ARG A 22 -9.91 -10.12 26.62
C ARG A 22 -10.57 -8.78 26.92
N GLY A 23 -11.11 -8.15 25.88
CA GLY A 23 -11.80 -6.87 26.05
C GLY A 23 -13.22 -7.05 26.52
N THR A 24 -13.82 -8.20 26.21
CA THR A 24 -15.22 -8.43 26.53
C THR A 24 -15.41 -8.94 27.96
N LEU A 25 -14.47 -9.76 28.45
CA LEU A 25 -14.57 -10.31 29.79
C LEU A 25 -14.80 -9.22 30.85
N PRO A 26 -14.00 -8.13 30.82
CA PRO A 26 -14.24 -7.15 31.88
C PRO A 26 -15.58 -6.44 31.76
N LEU A 27 -16.12 -6.31 30.55
CA LEU A 27 -17.44 -5.70 30.39
C LEU A 27 -18.54 -6.64 30.90
N ILE A 28 -18.37 -7.93 30.67
CA ILE A 28 -19.34 -8.89 31.21
C ILE A 28 -19.32 -8.85 32.74
N GLU A 29 -18.12 -8.86 33.31
CA GLU A 29 -17.98 -8.81 34.76
C GLU A 29 -18.57 -7.53 35.33
N ARG A 30 -18.43 -6.44 34.57
CA ARG A 30 -18.86 -5.14 35.01
C ARG A 30 -20.38 -4.99 34.99
N HIS A 31 -21.01 -5.53 33.95
CA HIS A 31 -22.38 -5.13 33.60
C HIS A 31 -23.42 -6.19 33.86
N PHE A 32 -22.99 -7.38 34.26
CA PHE A 32 -23.94 -8.43 34.58
C PHE A 32 -23.69 -8.97 35.98
N ALA A 33 -24.77 -9.35 36.65
CA ALA A 33 -24.69 -10.01 37.95
C ALA A 33 -24.68 -11.51 37.75
N PHE A 34 -23.70 -12.16 38.37
CA PHE A 34 -23.58 -13.60 38.33
C PHE A 34 -22.50 -14.02 39.31
N ASP A 35 -22.64 -15.22 39.87
CA ASP A 35 -21.56 -15.78 40.68
C ASP A 35 -20.34 -15.92 39.80
N ARG A 36 -19.22 -15.34 40.21
CA ARG A 36 -18.04 -15.33 39.37
C ARG A 36 -17.64 -16.73 38.90
N SER A 37 -17.89 -17.76 39.71
CA SER A 37 -17.49 -19.11 39.33
C SER A 37 -18.34 -19.71 38.19
N LYS A 38 -19.37 -19.00 37.77
CA LYS A 38 -20.20 -19.41 36.64
C LYS A 38 -19.51 -19.19 35.30
N LEU A 39 -18.49 -18.32 35.29
CA LEU A 39 -17.84 -17.98 34.06
C LEU A 39 -16.64 -18.87 33.81
N VAL A 40 -16.53 -19.37 32.59
CA VAL A 40 -15.38 -20.17 32.19
C VAL A 40 -14.99 -19.84 30.74
N VAL A 41 -13.69 -19.70 30.53
CA VAL A 41 -13.11 -19.33 29.26
C VAL A 41 -12.45 -20.57 28.66
N ILE A 42 -12.68 -20.79 27.38
CA ILE A 42 -12.10 -21.91 26.66
C ILE A 42 -11.23 -21.38 25.53
N ASP A 43 -9.94 -21.71 25.55
CA ASP A 43 -9.03 -21.27 24.49
C ASP A 43 -7.80 -22.19 24.52
N PRO A 44 -7.32 -22.64 23.36
CA PRO A 44 -6.13 -23.52 23.35
C PRO A 44 -4.80 -22.83 23.66
N SER A 45 -4.76 -21.50 23.63
CA SER A 45 -3.49 -20.77 23.74
C SER A 45 -2.90 -20.69 25.15
N ASP A 46 -1.59 -20.94 25.23
CA ASP A 46 -0.85 -20.75 26.48
C ASP A 46 -0.87 -19.30 26.93
N GLU A 47 -0.71 -18.38 25.97
CA GLU A 47 -0.74 -16.95 26.25
C GLU A 47 -2.07 -16.56 26.87
N ALA A 48 -3.15 -17.10 26.30
CA ALA A 48 -4.48 -16.81 26.82
C ALA A 48 -4.64 -17.39 28.24
N ARG A 49 -4.12 -18.59 28.45
CA ARG A 49 -4.22 -19.21 29.77
C ARG A 49 -3.54 -18.34 30.81
N LYS A 50 -2.35 -17.84 30.51
CA LYS A 50 -1.63 -17.07 31.51
C LYS A 50 -2.38 -15.78 31.87
N LEU A 51 -3.00 -15.15 30.86
CA LEU A 51 -3.77 -13.95 31.12
C LEU A 51 -5.03 -14.27 31.91
N ALA A 52 -5.68 -15.38 31.59
CA ALA A 52 -6.89 -15.75 32.33
C ALA A 52 -6.55 -16.01 33.79
N GLU A 53 -5.44 -16.71 34.03
CA GLU A 53 -4.97 -16.95 35.39
C GLU A 53 -4.72 -15.64 36.13
N ALA A 54 -4.14 -14.67 35.45
CA ALA A 54 -3.89 -13.37 36.07
C ALA A 54 -5.18 -12.65 36.39
N ARG A 55 -6.20 -12.84 35.55
CA ARG A 55 -7.50 -12.20 35.76
C ARG A 55 -8.37 -12.98 36.73
N GLY A 56 -7.89 -14.15 37.15
CA GLY A 56 -8.59 -14.93 38.16
C GLY A 56 -9.82 -15.68 37.67
N VAL A 57 -9.88 -15.99 36.37
CA VAL A 57 -11.06 -16.66 35.82
C VAL A 57 -10.75 -18.11 35.45
N ARG A 58 -11.77 -18.94 35.57
CA ARG A 58 -11.69 -20.33 35.18
C ARG A 58 -11.33 -20.39 33.72
N PHE A 59 -10.44 -21.30 33.39
CA PHE A 59 -9.90 -21.43 32.05
C PHE A 59 -9.68 -22.88 31.70
N ILE A 60 -10.21 -23.28 30.55
CA ILE A 60 -10.04 -24.62 30.04
C ILE A 60 -9.20 -24.51 28.77
N GLN A 61 -8.01 -25.10 28.79
CA GLN A 61 -7.09 -24.96 27.68
C GLN A 61 -7.36 -26.05 26.66
N GLN A 62 -8.25 -25.75 25.72
CA GLN A 62 -8.67 -26.74 24.77
C GLN A 62 -9.20 -26.04 23.55
N ALA A 63 -8.82 -26.52 22.38
CA ALA A 63 -9.45 -26.13 21.13
C ALA A 63 -10.81 -26.82 21.00
N VAL A 64 -11.83 -26.04 20.68
CA VAL A 64 -13.14 -26.59 20.36
C VAL A 64 -13.10 -27.04 18.91
N THR A 65 -13.48 -28.28 18.66
CA THR A 65 -13.43 -28.83 17.32
C THR A 65 -14.73 -29.54 17.00
N ARG A 66 -14.89 -29.90 15.74
CA ARG A 66 -16.08 -30.61 15.28
C ARG A 66 -16.20 -31.91 16.07
N ASP A 67 -15.06 -32.47 16.44
CA ASP A 67 -15.05 -33.76 17.10
C ASP A 67 -15.39 -33.70 18.58
N ASN A 68 -15.14 -32.56 19.23
CA ASN A 68 -15.33 -32.50 20.68
C ASN A 68 -16.37 -31.49 21.15
N TYR A 69 -16.94 -30.70 20.26
CA TYR A 69 -17.70 -29.56 20.76
C TYR A 69 -18.94 -29.96 21.53
N ARG A 70 -19.55 -31.09 21.18
CA ARG A 70 -20.75 -31.52 21.89
C ARG A 70 -20.39 -32.03 23.28
N GLU A 71 -19.35 -32.87 23.36
CA GLU A 71 -18.99 -33.41 24.66
C GLU A 71 -18.48 -32.32 25.60
N LEU A 72 -17.89 -31.27 25.02
CA LEU A 72 -17.33 -30.19 25.82
C LEU A 72 -18.39 -29.16 26.20
N LEU A 73 -19.12 -28.64 25.22
CA LEU A 73 -19.97 -27.48 25.46
C LEU A 73 -21.33 -27.82 26.08
N VAL A 74 -21.88 -28.99 25.80
CA VAL A 74 -23.19 -29.28 26.36
C VAL A 74 -23.19 -29.28 27.90
N PRO A 75 -22.26 -30.01 28.52
CA PRO A 75 -22.26 -29.98 29.99
C PRO A 75 -21.98 -28.59 30.54
N LEU A 76 -21.04 -27.88 29.93
CA LEU A 76 -20.72 -26.55 30.42
C LEU A 76 -21.90 -25.58 30.31
N LEU A 77 -22.64 -25.64 29.21
CA LEU A 77 -23.74 -24.71 29.00
C LEU A 77 -25.00 -25.04 29.79
N THR A 78 -25.15 -26.28 30.23
CA THR A 78 -26.36 -26.70 30.91
C THR A 78 -26.13 -26.92 32.41
N ALA A 79 -25.02 -26.41 32.95
CA ALA A 79 -24.69 -26.67 34.34
C ALA A 79 -25.71 -26.05 35.31
N GLY A 80 -26.50 -25.10 34.81
CA GLY A 80 -27.58 -24.54 35.61
C GLY A 80 -27.12 -23.42 36.52
N PRO A 81 -28.02 -22.93 37.38
CA PRO A 81 -29.38 -23.46 37.58
C PRO A 81 -30.35 -23.01 36.52
N GLY A 82 -29.98 -21.98 35.78
CA GLY A 82 -30.85 -21.42 34.78
C GLY A 82 -30.13 -21.31 33.46
N GLN A 83 -30.57 -20.36 32.68
CA GLN A 83 -30.14 -20.24 31.31
C GLN A 83 -28.72 -19.68 31.27
N GLY A 84 -27.86 -20.39 30.56
CA GLY A 84 -26.50 -19.94 30.32
C GLY A 84 -26.37 -19.07 29.09
N PHE A 85 -25.15 -18.60 28.87
CA PHE A 85 -24.83 -17.74 27.73
C PHE A 85 -23.51 -18.20 27.14
N CYS A 86 -23.55 -18.62 25.89
CA CYS A 86 -22.35 -18.94 25.13
C CYS A 86 -21.89 -17.69 24.36
N VAL A 87 -20.71 -17.20 24.73
CA VAL A 87 -20.15 -16.00 24.13
C VAL A 87 -18.97 -16.45 23.27
N ASN A 88 -19.20 -16.49 21.96
CA ASN A 88 -18.24 -17.09 21.07
C ASN A 88 -17.42 -16.03 20.37
N LEU A 89 -16.14 -15.96 20.74
CA LEU A 89 -15.21 -14.92 20.27
C LEU A 89 -13.94 -15.57 19.77
N SER A 90 -14.10 -16.63 18.98
CA SER A 90 -12.99 -17.46 18.60
C SER A 90 -12.71 -17.37 17.10
N VAL A 91 -11.62 -18.01 16.69
CA VAL A 91 -11.40 -18.38 15.33
C VAL A 91 -11.44 -19.89 15.22
N ASP A 92 -11.61 -20.39 14.01
CA ASP A 92 -11.46 -21.81 13.70
C ASP A 92 -12.58 -22.72 14.22
N THR A 93 -13.66 -22.12 14.68
CA THR A 93 -14.81 -22.86 15.17
C THR A 93 -16.03 -22.51 14.33
N SER A 94 -16.99 -23.43 14.26
CA SER A 94 -18.16 -23.23 13.46
C SER A 94 -19.19 -22.47 14.25
N SER A 95 -19.43 -21.23 13.84
CA SER A 95 -20.45 -20.42 14.47
C SER A 95 -21.78 -21.11 14.41
N LEU A 96 -22.10 -21.67 13.25
CA LEU A 96 -23.41 -22.25 13.06
C LEU A 96 -23.57 -23.47 13.96
N ASP A 97 -22.56 -24.34 14.01
CA ASP A 97 -22.73 -25.56 14.78
C ASP A 97 -22.81 -25.26 16.26
N ILE A 98 -21.99 -24.33 16.73
CA ILE A 98 -22.05 -23.96 18.12
C ILE A 98 -23.36 -23.26 18.46
N MET A 99 -23.81 -22.37 17.58
CA MET A 99 -25.07 -21.68 17.78
C MET A 99 -26.21 -22.68 17.89
N GLU A 100 -26.22 -23.67 17.02
CA GLU A 100 -27.30 -24.65 17.01
C GLU A 100 -27.25 -25.52 18.26
N LEU A 101 -26.06 -25.80 18.75
CA LEU A 101 -25.91 -26.55 20.00
CA LEU A 101 -25.90 -26.55 20.00
C LEU A 101 -26.45 -25.74 21.19
N ALA A 102 -26.10 -24.46 21.24
CA ALA A 102 -26.55 -23.60 22.33
C ALA A 102 -28.06 -23.58 22.34
N ARG A 103 -28.65 -23.32 21.19
CA ARG A 103 -30.09 -23.28 21.06
C ARG A 103 -30.79 -24.58 21.44
N GLU A 104 -30.26 -25.70 20.98
CA GLU A 104 -30.81 -27.01 21.34
C GLU A 104 -30.84 -27.21 22.84
N ASN A 105 -29.93 -26.55 23.55
CA ASN A 105 -29.78 -26.78 24.98
C ASN A 105 -30.25 -25.60 25.82
N GLY A 106 -30.93 -24.66 25.16
CA GLY A 106 -31.59 -23.56 25.84
C GLY A 106 -30.66 -22.45 26.30
N ALA A 107 -29.45 -22.40 25.76
CA ALA A 107 -28.48 -21.37 26.14
C ALA A 107 -28.53 -20.26 25.12
N LEU A 108 -28.44 -19.03 25.61
CA LEU A 108 -28.26 -17.89 24.72
C LEU A 108 -26.91 -17.96 24.05
N TYR A 109 -26.79 -17.31 22.91
CA TYR A 109 -25.57 -17.35 22.11
C TYR A 109 -25.33 -16.01 21.45
N ILE A 110 -24.05 -15.64 21.35
CA ILE A 110 -23.66 -14.50 20.55
C ILE A 110 -22.31 -14.77 19.93
N ASP A 111 -22.11 -14.25 18.73
CA ASP A 111 -20.81 -14.24 18.11
C ASP A 111 -20.66 -12.96 17.29
N THR A 112 -19.50 -12.81 16.67
CA THR A 112 -19.19 -11.60 15.91
C THR A 112 -18.89 -11.88 14.44
N VAL A 113 -19.05 -13.13 14.01
CA VAL A 113 -18.65 -13.56 12.68
C VAL A 113 -19.28 -14.90 12.42
N VAL A 114 -19.58 -15.22 11.17
CA VAL A 114 -19.93 -16.58 10.81
C VAL A 114 -18.66 -17.26 10.35
N GLU A 115 -18.10 -18.06 11.24
CA GLU A 115 -16.83 -18.71 11.06
C GLU A 115 -17.13 -20.18 10.77
N PRO A 116 -16.34 -20.83 9.90
CA PRO A 116 -16.45 -22.27 9.71
C PRO A 116 -15.42 -23.03 10.56
N TRP A 117 -15.56 -24.35 10.63
CA TRP A 117 -14.55 -25.15 11.33
C TRP A 117 -13.20 -25.04 10.62
N LEU A 118 -12.14 -25.14 11.41
CA LEU A 118 -10.78 -25.12 10.89
C LEU A 118 -10.64 -26.07 9.71
N GLY A 119 -9.92 -25.64 8.68
CA GLY A 119 -9.71 -26.44 7.49
C GLY A 119 -10.56 -25.91 6.34
N PHE A 120 -11.62 -25.18 6.68
CA PHE A 120 -12.62 -24.76 5.69
C PHE A 120 -11.99 -24.10 4.48
N TYR A 121 -11.14 -23.10 4.71
CA TYR A 121 -10.64 -22.26 3.62
C TYR A 121 -9.45 -22.84 2.81
N PHE A 122 -8.71 -23.77 3.40
CA PHE A 122 -7.64 -24.44 2.65
C PHE A 122 -8.02 -25.89 2.33
N ASP A 123 -9.22 -26.04 1.76
CA ASP A 123 -9.60 -27.26 1.08
C ASP A 123 -9.38 -27.01 -0.40
N PRO A 124 -8.57 -27.86 -1.06
CA PRO A 124 -8.31 -27.65 -2.49
C PRO A 124 -9.51 -27.97 -3.40
N ASP A 125 -10.73 -27.82 -2.89
CA ASP A 125 -11.93 -28.17 -3.64
C ASP A 125 -13.07 -27.17 -3.41
N LEU A 126 -12.83 -26.15 -2.60
CA LEU A 126 -13.82 -25.10 -2.38
C LEU A 126 -13.70 -23.99 -3.44
N LYS A 127 -14.70 -23.90 -4.30
CA LYS A 127 -14.77 -22.83 -5.28
C LYS A 127 -14.90 -21.48 -4.57
N PRO A 128 -14.59 -20.39 -5.26
CA PRO A 128 -14.64 -19.09 -4.60
C PRO A 128 -16.01 -18.75 -4.02
N GLU A 129 -17.10 -19.13 -4.69
CA GLU A 129 -18.44 -18.79 -4.19
C GLU A 129 -18.66 -19.36 -2.80
N ALA A 130 -18.16 -20.57 -2.56
CA ALA A 130 -18.39 -21.26 -1.30
C ALA A 130 -17.58 -20.60 -0.19
N ARG A 131 -16.55 -19.86 -0.55
N ARG A 131 -16.55 -19.86 -0.57
CA ARG A 131 -15.72 -19.15 0.42
CA ARG A 131 -15.71 -19.13 0.39
C ARG A 131 -16.23 -17.74 0.73
C ARG A 131 -16.35 -17.84 0.88
N SER A 132 -17.39 -17.38 0.18
CA SER A 132 -17.97 -16.07 0.41
C SER A 132 -18.76 -16.00 1.70
N ASN A 133 -18.86 -14.81 2.26
CA ASN A 133 -19.66 -14.57 3.45
C ASN A 133 -21.15 -14.65 3.14
N TYR A 134 -21.51 -14.42 1.89
CA TYR A 134 -22.90 -14.62 1.46
C TYR A 134 -23.31 -16.05 1.75
N ALA A 135 -22.46 -16.98 1.31
CA ALA A 135 -22.75 -18.41 1.46
C ALA A 135 -22.83 -18.79 2.92
N LEU A 136 -21.89 -18.28 3.71
CA LEU A 136 -21.89 -18.57 5.12
C LEU A 136 -23.14 -18.00 5.80
N ARG A 137 -23.51 -16.78 5.45
CA ARG A 137 -24.71 -16.19 6.01
C ARG A 137 -25.95 -16.99 5.63
N GLU A 138 -25.99 -17.52 4.42
CA GLU A 138 -27.13 -18.32 4.01
C GLU A 138 -27.31 -19.52 4.92
N THR A 139 -26.22 -20.07 5.47
CA THR A 139 -26.39 -21.23 6.35
C THR A 139 -27.14 -20.83 7.61
N VAL A 140 -26.91 -19.60 8.07
CA VAL A 140 -27.57 -19.09 9.26
C VAL A 140 -29.03 -18.81 8.94
N LEU A 141 -29.30 -18.20 7.79
CA LEU A 141 -30.69 -17.93 7.40
C LEU A 141 -31.47 -19.22 7.28
N ALA A 142 -30.83 -20.24 6.74
CA ALA A 142 -31.48 -21.52 6.56
C ALA A 142 -31.80 -22.12 7.92
N ALA A 143 -30.88 -21.98 8.86
CA ALA A 143 -31.08 -22.52 10.21
C ALA A 143 -32.29 -21.84 10.84
N ARG A 144 -32.42 -20.55 10.61
CA ARG A 144 -33.56 -19.81 11.11
C ARG A 144 -34.86 -20.29 10.45
N ARG A 145 -34.85 -20.52 9.14
CA ARG A 145 -36.06 -21.03 8.49
C ARG A 145 -36.44 -22.41 9.00
N ASN A 146 -35.43 -23.24 9.26
CA ASN A 146 -35.69 -24.61 9.72
C ASN A 146 -36.24 -24.67 11.14
N LYS A 147 -35.80 -23.73 11.98
CA LYS A 147 -36.18 -23.68 13.38
C LYS A 147 -36.50 -22.26 13.82
N PRO A 148 -37.68 -21.75 13.41
CA PRO A 148 -38.06 -20.39 13.77
C PRO A 148 -38.30 -20.24 15.28
N GLY A 149 -38.11 -19.02 15.78
CA GLY A 149 -38.28 -18.78 17.20
C GLY A 149 -37.29 -19.58 18.02
N GLY A 150 -37.65 -19.85 19.27
CA GLY A 150 -36.76 -20.50 20.21
C GLY A 150 -35.82 -19.51 20.86
N THR A 151 -34.82 -20.06 21.53
CA THR A 151 -33.87 -19.26 22.28
C THR A 151 -33.12 -18.29 21.36
N THR A 152 -32.92 -17.07 21.87
CA THR A 152 -32.20 -16.06 21.12
C THR A 152 -30.75 -16.45 20.86
N ALA A 153 -30.32 -16.29 19.62
CA ALA A 153 -28.94 -16.43 19.23
C ALA A 153 -28.63 -15.28 18.31
N VAL A 154 -27.62 -14.50 18.68
CA VAL A 154 -27.27 -13.30 17.96
C VAL A 154 -26.06 -13.55 17.10
N SER A 155 -26.25 -13.46 15.79
CA SER A 155 -25.18 -13.70 14.84
C SER A 155 -24.56 -12.38 14.40
N CYS A 156 -23.23 -12.31 14.44
CA CYS A 156 -22.48 -11.20 13.86
C CYS A 156 -22.76 -9.88 14.53
N CYS A 157 -22.57 -9.87 15.84
CA CYS A 157 -22.79 -8.66 16.64
C CYS A 157 -21.51 -8.17 17.30
N GLY A 158 -20.59 -7.72 16.47
CA GLY A 158 -19.38 -7.03 16.90
C GLY A 158 -19.52 -5.58 16.46
N ALA A 159 -18.40 -4.95 16.14
CA ALA A 159 -18.42 -3.59 15.65
C ALA A 159 -18.94 -3.51 14.20
N ASN A 160 -18.38 -4.38 13.37
CA ASN A 160 -18.73 -4.44 11.95
C ASN A 160 -18.31 -5.80 11.44
N PRO A 161 -19.29 -6.70 11.26
CA PRO A 161 -20.73 -6.55 11.43
C PRO A 161 -21.12 -6.35 12.86
N GLY A 162 -22.29 -5.73 13.05
CA GLY A 162 -22.90 -5.52 14.34
C GLY A 162 -23.36 -4.09 14.51
N MET A 163 -22.58 -3.33 15.27
CA MET A 163 -22.86 -1.93 15.56
C MET A 163 -23.22 -1.12 14.32
N VAL A 164 -22.49 -1.33 13.24
CA VAL A 164 -22.74 -0.55 12.03
C VAL A 164 -24.17 -0.71 11.50
N SER A 165 -24.84 -1.84 11.77
CA SER A 165 -26.25 -1.93 11.39
C SER A 165 -27.11 -0.93 12.15
N TRP A 166 -26.79 -0.73 13.43
CA TRP A 166 -27.50 0.24 14.25
C TRP A 166 -27.18 1.66 13.74
N PHE A 167 -25.92 1.87 13.34
CA PHE A 167 -25.52 3.17 12.80
C PHE A 167 -26.31 3.49 11.54
N VAL A 168 -26.55 2.48 10.69
CA VAL A 168 -27.28 2.73 9.46
C VAL A 168 -28.70 3.21 9.78
N LYS A 169 -29.34 2.55 10.73
CA LYS A 169 -30.67 2.97 11.14
C LYS A 169 -30.66 4.40 11.69
N GLN A 170 -29.72 4.71 12.58
CA GLN A 170 -29.66 6.05 13.12
C GLN A 170 -29.35 7.06 12.01
N ALA A 171 -28.50 6.67 11.07
CA ALA A 171 -28.11 7.56 9.98
C ALA A 171 -29.30 7.88 9.08
N LEU A 172 -30.12 6.86 8.80
CA LEU A 172 -31.32 7.07 7.99
C LEU A 172 -32.28 8.05 8.67
N VAL A 173 -32.50 7.86 9.97
CA VAL A 173 -33.33 8.75 10.77
C VAL A 173 -32.78 10.19 10.74
N ASN A 174 -31.47 10.32 10.92
CA ASN A 174 -30.87 11.64 10.88
C ASN A 174 -30.97 12.30 9.52
N LEU A 175 -30.73 11.54 8.45
CA LEU A 175 -30.84 12.10 7.11
C LEU A 175 -32.24 12.67 6.89
N ALA A 176 -33.26 11.92 7.27
CA ALA A 176 -34.61 12.41 7.12
C ALA A 176 -34.83 13.68 7.96
N ALA A 177 -34.41 13.66 9.22
CA ALA A 177 -34.61 14.79 10.11
C ALA A 177 -33.89 16.03 9.57
N ASP A 178 -32.70 15.82 9.01
CA ASP A 178 -31.89 16.93 8.50
C ASP A 178 -32.52 17.57 7.26
N LEU A 179 -33.40 16.83 6.58
CA LEU A 179 -34.18 17.35 5.46
C LEU A 179 -35.49 17.98 5.93
N GLY A 180 -35.75 17.96 7.23
CA GLY A 180 -37.00 18.49 7.76
C GLY A 180 -38.17 17.54 7.57
N VAL A 181 -37.86 16.25 7.39
CA VAL A 181 -38.90 15.24 7.30
C VAL A 181 -39.09 14.73 8.71
N THR A 182 -40.27 14.98 9.24
CA THR A 182 -40.60 14.61 10.62
C THR A 182 -41.57 13.46 10.57
N GLY A 183 -41.78 12.78 11.70
CA GLY A 183 -42.70 11.67 11.76
C GLY A 183 -42.02 10.44 12.30
N GLU A 184 -42.84 9.48 12.70
CA GLU A 184 -42.36 8.30 13.41
C GLU A 184 -41.27 7.58 12.63
N GLU A 185 -40.30 7.05 13.36
CA GLU A 185 -39.32 6.21 12.72
C GLU A 185 -40.01 4.97 12.18
N PRO A 186 -39.37 4.31 11.21
CA PRO A 186 -39.79 3.00 10.74
C PRO A 186 -39.81 1.99 11.86
N THR A 187 -40.69 1.01 11.76
CA THR A 187 -40.84 -0.03 12.78
C THR A 187 -40.68 -1.43 12.20
N THR A 188 -40.85 -1.55 10.88
CA THR A 188 -40.69 -2.81 10.17
C THR A 188 -39.54 -2.72 9.19
N ARG A 189 -39.00 -3.87 8.83
CA ARG A 189 -37.95 -3.94 7.84
C ARG A 189 -38.36 -3.21 6.56
N GLU A 190 -39.59 -3.46 6.14
N GLU A 190 -39.57 -3.44 6.06
CA GLU A 190 -40.13 -2.91 4.93
CA GLU A 190 -39.98 -2.78 4.81
C GLU A 190 -40.11 -1.37 4.97
C GLU A 190 -39.96 -1.29 4.98
N GLU A 191 -40.39 -0.81 6.14
CA GLU A 191 -40.41 0.63 6.36
C GLU A 191 -38.99 1.20 6.35
N TRP A 192 -38.04 0.46 6.90
CA TRP A 192 -36.64 0.91 6.86
C TRP A 192 -36.16 0.94 5.43
N ALA A 193 -36.48 -0.12 4.69
CA ALA A 193 -36.04 -0.23 3.30
C ALA A 193 -36.63 0.90 2.47
N ARG A 194 -37.91 1.20 2.71
CA ARG A 194 -38.54 2.27 1.99
C ARG A 194 -37.98 3.65 2.35
N LEU A 195 -37.55 3.82 3.59
CA LEU A 195 -36.95 5.08 4.01
C LEU A 195 -35.65 5.30 3.25
N ALA A 196 -34.82 4.27 3.16
CA ALA A 196 -33.59 4.35 2.36
C ALA A 196 -33.94 4.69 0.90
N MET A 197 -34.93 4.00 0.34
CA MET A 197 -35.36 4.22 -1.03
C MET A 197 -35.84 5.67 -1.21
N ASP A 198 -36.68 6.11 -0.29
CA ASP A 198 -37.32 7.41 -0.43
C ASP A 198 -36.31 8.55 -0.30
N LEU A 199 -35.32 8.38 0.56
CA LEU A 199 -34.26 9.36 0.72
C LEU A 199 -33.26 9.32 -0.41
N GLY A 200 -33.32 8.30 -1.26
CA GLY A 200 -32.45 8.22 -2.40
C GLY A 200 -31.05 7.76 -2.04
N VAL A 201 -30.94 6.91 -1.04
CA VAL A 201 -29.64 6.34 -0.69
C VAL A 201 -29.25 5.30 -1.73
N LYS A 202 -28.21 5.56 -2.50
CA LYS A 202 -27.76 4.64 -3.52
C LYS A 202 -26.92 3.52 -2.92
N GLY A 203 -26.14 3.86 -1.90
CA GLY A 203 -25.29 2.87 -1.29
C GLY A 203 -24.69 3.34 -0.01
N ILE A 204 -23.95 2.42 0.60
CA ILE A 204 -23.38 2.56 1.93
C ILE A 204 -22.01 1.96 1.97
N HIS A 205 -21.03 2.73 2.42
CA HIS A 205 -19.74 2.12 2.75
C HIS A 205 -19.69 1.95 4.25
N ILE A 206 -19.15 0.83 4.70
CA ILE A 206 -18.65 0.76 6.06
C ILE A 206 -17.26 1.36 5.97
N ALA A 207 -17.18 2.62 6.40
CA ALA A 207 -16.08 3.49 6.11
C ALA A 207 -15.25 3.67 7.36
N GLU A 208 -14.09 3.02 7.38
CA GLU A 208 -13.29 2.95 8.59
C GLU A 208 -11.86 3.41 8.32
N ARG A 209 -11.33 4.16 9.27
CA ARG A 209 -9.93 4.51 9.29
C ARG A 209 -9.38 4.32 10.71
N ASP A 210 -8.44 3.40 10.83
CA ASP A 210 -7.80 3.10 12.09
C ASP A 210 -6.48 3.85 12.08
N THR A 211 -6.29 4.79 13.00
CA THR A 211 -5.07 5.59 13.02
C THR A 211 -4.20 5.24 14.22
N GLN A 212 -4.49 4.12 14.90
CA GLN A 212 -3.63 3.69 15.99
C GLN A 212 -2.21 3.43 15.49
N ARG A 213 -1.25 4.03 16.17
CA ARG A 213 0.16 3.94 15.80
C ARG A 213 0.93 3.24 16.88
N ALA A 214 1.90 2.43 16.47
CA ALA A 214 2.67 1.66 17.42
C ALA A 214 3.88 2.43 17.94
N SER A 215 4.31 2.05 19.13
CA SER A 215 5.50 2.58 19.78
C SER A 215 6.79 1.99 19.22
N PHE A 216 6.67 1.00 18.36
CA PHE A 216 7.82 0.35 17.74
C PHE A 216 7.62 0.35 16.24
N PRO A 217 8.71 0.47 15.47
CA PRO A 217 8.59 0.42 14.00
C PRO A 217 8.15 -0.96 13.52
N LYS A 218 7.56 -1.03 12.33
CA LYS A 218 7.02 -2.30 11.88
C LYS A 218 8.15 -3.28 11.63
N PRO A 219 8.09 -4.45 12.28
CA PRO A 219 9.12 -5.43 12.05
C PRO A 219 8.97 -6.16 10.72
N PHE A 220 10.09 -6.42 10.09
CA PHE A 220 10.12 -7.18 8.87
C PHE A 220 9.57 -8.57 9.12
N ASP A 221 8.71 -9.03 8.21
CA ASP A 221 8.22 -10.41 8.27
C ASP A 221 7.39 -10.65 9.54
N VAL A 222 6.69 -9.62 9.99
CA VAL A 222 5.70 -9.75 11.04
C VAL A 222 4.44 -9.01 10.60
N PHE A 223 3.30 -9.69 10.62
CA PHE A 223 2.04 -9.05 10.30
C PHE A 223 1.55 -8.40 11.60
N VAL A 224 1.24 -7.11 11.55
CA VAL A 224 0.76 -6.37 12.71
C VAL A 224 -0.64 -5.86 12.46
N ASN A 225 -1.52 -6.00 13.45
CA ASN A 225 -2.90 -5.50 13.32
C ASN A 225 -3.39 -5.11 14.72
N THR A 226 -4.55 -4.45 14.80
CA THR A 226 -5.14 -4.02 16.07
C THR A 226 -6.20 -5.00 16.57
N TRP A 227 -6.46 -6.03 15.76
CA TRP A 227 -7.34 -7.14 16.15
C TRP A 227 -6.83 -8.38 15.42
N SER A 228 -7.50 -9.52 15.59
CA SER A 228 -7.08 -10.77 15.00
C SER A 228 -6.29 -10.65 13.70
N VAL A 229 -5.06 -11.13 13.72
CA VAL A 229 -4.29 -11.23 12.51
C VAL A 229 -4.79 -12.43 11.71
N GLU A 230 -4.99 -13.55 12.37
CA GLU A 230 -5.48 -14.75 11.69
C GLU A 230 -6.81 -14.47 11.01
N GLY A 231 -7.70 -13.84 11.75
CA GLY A 231 -9.01 -13.51 11.23
C GLY A 231 -8.97 -12.52 10.08
N PHE A 232 -8.16 -11.48 10.22
CA PHE A 232 -8.09 -10.46 9.18
C PHE A 232 -7.48 -11.05 7.92
N VAL A 233 -6.41 -11.81 8.08
CA VAL A 233 -5.77 -12.45 6.92
C VAL A 233 -6.73 -13.38 6.21
N SER A 234 -7.43 -14.21 6.98
N SER A 234 -7.42 -14.22 6.98
CA SER A 234 -8.40 -15.12 6.41
CA SER A 234 -8.41 -15.13 6.41
C SER A 234 -9.47 -14.38 5.62
C SER A 234 -9.47 -14.38 5.62
N GLU A 235 -10.01 -13.32 6.22
CA GLU A 235 -11.04 -12.54 5.55
C GLU A 235 -10.48 -11.81 4.35
N GLY A 236 -9.24 -11.34 4.47
CA GLY A 236 -8.59 -10.62 3.40
C GLY A 236 -8.34 -11.46 2.17
N LEU A 237 -8.20 -12.76 2.37
CA LEU A 237 -7.96 -13.70 1.28
C LEU A 237 -9.26 -14.23 0.68
N GLN A 238 -10.38 -14.08 1.39
CA GLN A 238 -11.67 -14.41 0.81
C GLN A 238 -11.93 -13.45 -0.33
N PRO A 239 -12.87 -13.79 -1.21
CA PRO A 239 -13.18 -12.85 -2.30
C PRO A 239 -13.65 -11.49 -1.79
N ALA A 240 -13.34 -10.44 -2.53
CA ALA A 240 -13.93 -9.15 -2.28
C ALA A 240 -15.42 -9.35 -2.47
N GLU A 241 -16.23 -8.70 -1.64
CA GLU A 241 -17.64 -9.01 -1.60
C GLU A 241 -18.44 -7.78 -1.24
N LEU A 242 -19.60 -7.64 -1.87
CA LEU A 242 -20.42 -6.47 -1.64
C LEU A 242 -21.89 -6.78 -1.81
N GLY A 243 -22.70 -6.09 -1.02
CA GLY A 243 -24.11 -5.99 -1.34
C GLY A 243 -24.25 -5.10 -2.55
N TRP A 244 -25.09 -5.51 -3.49
CA TRP A 244 -25.08 -4.91 -4.83
C TRP A 244 -26.37 -4.14 -5.09
N GLY A 245 -26.24 -2.83 -5.28
CA GLY A 245 -27.38 -1.97 -5.33
C GLY A 245 -28.04 -1.96 -6.69
N THR A 246 -29.32 -1.65 -6.67
CA THR A 246 -30.09 -1.56 -7.90
C THR A 246 -29.63 -0.42 -8.81
N PHE A 247 -28.94 0.58 -8.25
CA PHE A 247 -28.53 1.72 -9.09
C PHE A 247 -27.29 1.43 -9.90
N GLU A 248 -26.57 0.36 -9.56
CA GLU A 248 -25.30 0.08 -10.24
C GLU A 248 -25.52 -0.34 -11.69
N ARG A 249 -24.70 0.21 -12.58
CA ARG A 249 -24.85 -0.03 -14.01
C ARG A 249 -23.63 -0.73 -14.61
N TRP A 250 -22.68 -1.09 -13.76
CA TRP A 250 -21.48 -1.76 -14.24
C TRP A 250 -20.91 -2.62 -13.16
N MET A 251 -20.39 -3.77 -13.54
CA MET A 251 -19.60 -4.58 -12.62
CA MET A 251 -19.58 -4.56 -12.63
C MET A 251 -18.36 -5.12 -13.36
N PRO A 252 -17.28 -5.40 -12.61
CA PRO A 252 -16.09 -5.93 -13.24
C PRO A 252 -16.35 -7.26 -13.93
N ASP A 253 -15.53 -7.60 -14.92
CA ASP A 253 -15.61 -8.87 -15.63
C ASP A 253 -15.51 -10.05 -14.65
N ASN A 254 -14.77 -9.87 -13.58
CA ASN A 254 -14.56 -10.99 -12.66
C ASN A 254 -15.54 -10.99 -11.48
N ALA A 255 -16.62 -10.21 -11.61
CA ALA A 255 -17.73 -10.26 -10.64
C ALA A 255 -18.64 -11.45 -10.92
N ARG A 256 -19.16 -12.02 -9.85
CA ARG A 256 -20.06 -13.15 -9.92
C ARG A 256 -21.18 -12.96 -8.91
N GLY A 257 -22.33 -13.55 -9.20
CA GLY A 257 -23.48 -13.53 -8.32
C GLY A 257 -23.69 -14.88 -7.66
N HIS A 258 -24.91 -15.13 -7.23
CA HIS A 258 -25.25 -16.37 -6.54
C HIS A 258 -26.54 -16.92 -7.11
N ASP A 259 -26.62 -18.24 -7.20
CA ASP A 259 -27.81 -18.93 -7.73
C ASP A 259 -28.97 -18.83 -6.78
N SER A 260 -28.65 -18.80 -5.49
CA SER A 260 -29.64 -18.96 -4.46
C SER A 260 -29.51 -17.87 -3.44
N GLY A 261 -30.41 -17.90 -2.47
CA GLY A 261 -30.34 -16.98 -1.36
C GLY A 261 -31.07 -15.70 -1.63
N CYS A 262 -30.79 -14.72 -0.78
CA CYS A 262 -31.50 -13.46 -0.76
C CYS A 262 -31.30 -12.62 -2.03
N GLY A 263 -30.21 -12.84 -2.77
CA GLY A 263 -29.97 -12.14 -4.02
C GLY A 263 -29.22 -10.81 -3.92
N ALA A 264 -28.81 -10.44 -2.71
CA ALA A 264 -28.34 -9.09 -2.44
C ALA A 264 -26.87 -8.88 -2.73
N GLY A 265 -26.13 -9.93 -3.04
CA GLY A 265 -24.68 -9.82 -3.11
C GLY A 265 -24.01 -10.23 -4.41
N ILE A 266 -22.81 -9.71 -4.61
CA ILE A 266 -21.89 -10.21 -5.61
C ILE A 266 -20.54 -10.37 -4.94
N TYR A 267 -19.64 -11.07 -5.60
CA TYR A 267 -18.27 -11.14 -5.12
C TYR A 267 -17.36 -11.04 -6.33
N LEU A 268 -16.11 -10.67 -6.10
CA LEU A 268 -15.13 -10.55 -7.18
C LEU A 268 -14.13 -11.67 -7.02
N LEU A 269 -13.63 -12.20 -8.14
CA LEU A 269 -12.66 -13.29 -8.09
C LEU A 269 -11.24 -12.78 -7.81
N GLN A 270 -11.06 -12.16 -6.65
CA GLN A 270 -9.77 -11.60 -6.23
C GLN A 270 -9.86 -11.36 -4.74
N PRO A 271 -8.73 -11.37 -4.05
CA PRO A 271 -8.79 -11.22 -2.59
C PRO A 271 -9.21 -9.81 -2.16
N GLY A 272 -10.09 -9.74 -1.17
CA GLY A 272 -10.63 -8.47 -0.71
C GLY A 272 -9.56 -7.53 -0.18
N ALA A 273 -8.58 -8.07 0.53
CA ALA A 273 -7.56 -7.22 1.13
C ALA A 273 -6.52 -6.74 0.13
N ASN A 274 -6.62 -7.19 -1.10
CA ASN A 274 -5.83 -6.62 -2.19
C ASN A 274 -6.72 -5.95 -3.25
N THR A 275 -7.87 -5.45 -2.81
CA THR A 275 -8.82 -4.74 -3.68
C THR A 275 -9.07 -3.39 -3.00
N ARG A 276 -8.83 -2.30 -3.74
CA ARG A 276 -8.99 -0.98 -3.16
C ARG A 276 -10.22 -0.29 -3.72
N VAL A 277 -10.85 0.48 -2.84
CA VAL A 277 -11.99 1.30 -3.23
C VAL A 277 -11.74 2.71 -2.73
N ARG A 278 -12.26 3.67 -3.47
CA ARG A 278 -12.18 5.06 -3.08
C ARG A 278 -13.31 5.36 -2.08
N SER A 279 -12.95 5.93 -0.95
CA SER A 279 -13.91 6.18 0.11
C SER A 279 -13.45 7.38 0.92
N TRP A 280 -14.11 7.61 2.05
CA TRP A 280 -14.01 8.86 2.78
C TRP A 280 -14.41 8.63 4.23
N THR A 281 -13.63 9.17 5.17
CA THR A 281 -14.10 9.32 6.56
C THR A 281 -13.75 10.71 7.03
N PRO A 282 -14.32 11.14 8.16
CA PRO A 282 -14.06 12.54 8.56
C PRO A 282 -12.61 12.85 8.87
N THR A 283 -11.87 11.88 9.43
CA THR A 283 -10.50 12.16 9.81
C THR A 283 -9.57 11.88 8.64
N ALA A 284 -9.90 10.87 7.85
CA ALA A 284 -9.05 10.51 6.72
C ALA A 284 -9.27 11.46 5.55
N MET A 285 -10.48 12.03 5.47
N MET A 285 -10.47 12.05 5.49
CA MET A 285 -10.96 12.62 4.24
CA MET A 285 -10.99 12.62 4.26
C MET A 285 -10.91 11.54 3.17
C MET A 285 -10.91 11.54 3.17
N ALA A 286 -10.63 11.91 1.93
CA ALA A 286 -10.57 10.94 0.87
C ALA A 286 -9.46 9.94 1.14
N GLN A 287 -9.77 8.66 0.99
CA GLN A 287 -8.80 7.61 1.22
C GLN A 287 -9.12 6.36 0.42
N TYR A 288 -8.15 5.47 0.32
CA TYR A 288 -8.41 4.12 -0.13
C TYR A 288 -8.86 3.30 1.06
N GLY A 289 -9.87 2.48 0.83
CA GLY A 289 -10.20 1.38 1.72
C GLY A 289 -9.97 0.09 0.98
N PHE A 290 -9.83 -0.99 1.73
CA PHE A 290 -9.80 -2.32 1.15
C PHE A 290 -11.20 -2.92 1.18
N LEU A 291 -11.54 -3.62 0.10
CA LEU A 291 -12.87 -4.17 -0.10
C LEU A 291 -12.94 -5.59 0.49
N VAL A 292 -12.73 -5.64 1.80
CA VAL A 292 -12.72 -6.89 2.53
C VAL A 292 -14.15 -7.32 2.79
N THR A 293 -14.41 -8.60 2.60
CA THR A 293 -15.75 -9.10 2.82
C THR A 293 -16.18 -8.94 4.26
N SER A 294 -17.49 -8.80 4.46
CA SER A 294 -18.05 -8.63 5.77
C SER A 294 -19.50 -9.04 5.70
N ASN A 295 -20.00 -9.68 6.76
CA ASN A 295 -21.38 -10.13 6.77
C ASN A 295 -22.38 -9.01 6.49
N GLU A 296 -22.12 -7.82 7.00
CA GLU A 296 -23.11 -6.77 6.93
C GLU A 296 -23.21 -6.15 5.54
N SER A 297 -22.18 -6.33 4.73
CA SER A 297 -22.27 -5.91 3.34
C SER A 297 -23.47 -6.55 2.70
N ILE A 298 -23.69 -7.83 3.01
CA ILE A 298 -24.87 -8.53 2.54
C ILE A 298 -26.10 -8.22 3.40
N SER A 299 -25.96 -8.31 4.72
CA SER A 299 -27.14 -8.22 5.61
C SER A 299 -27.82 -6.86 5.51
N ILE A 300 -27.06 -5.78 5.39
CA ILE A 300 -27.65 -4.46 5.34
C ILE A 300 -28.33 -4.26 3.98
N ALA A 301 -27.66 -4.68 2.91
CA ALA A 301 -28.29 -4.58 1.58
C ALA A 301 -29.60 -5.36 1.50
N ASP A 302 -29.59 -6.59 2.03
CA ASP A 302 -30.78 -7.42 2.10
C ASP A 302 -31.87 -6.71 2.91
N PHE A 303 -31.50 -6.21 4.09
CA PHE A 303 -32.43 -5.57 5.00
C PHE A 303 -33.12 -4.38 4.35
N LEU A 304 -32.38 -3.65 3.54
CA LEU A 304 -32.90 -2.42 2.95
C LEU A 304 -33.42 -2.65 1.53
N THR A 305 -33.79 -3.89 1.23
CA THR A 305 -34.34 -4.19 -0.09
C THR A 305 -35.86 -3.97 -0.12
N VAL A 306 -36.31 -3.27 -1.17
CA VAL A 306 -37.75 -3.12 -1.44
C VAL A 306 -38.06 -3.97 -2.64
N ARG A 307 -39.13 -4.77 -2.54
N ARG A 307 -39.14 -4.75 -2.54
CA ARG A 307 -39.55 -5.61 -3.65
CA ARG A 307 -39.56 -5.60 -3.63
C ARG A 307 -40.90 -5.15 -4.19
C ARG A 307 -40.90 -5.15 -4.19
N ASP A 308 -41.14 -5.46 -5.46
CA ASP A 308 -42.45 -5.18 -6.06
C ASP A 308 -43.40 -6.31 -5.69
N ALA A 309 -44.64 -6.21 -6.13
CA ALA A 309 -45.64 -7.21 -5.79
C ALA A 309 -45.22 -8.60 -6.29
N ALA A 310 -44.52 -8.63 -7.41
CA ALA A 310 -44.03 -9.88 -7.99
C ALA A 310 -42.84 -10.46 -7.24
N GLY A 311 -42.29 -9.70 -6.29
CA GLY A 311 -41.18 -10.19 -5.47
C GLY A 311 -39.81 -9.83 -6.02
N GLN A 312 -39.78 -9.00 -7.06
CA GLN A 312 -38.52 -8.60 -7.65
C GLN A 312 -37.96 -7.43 -6.86
N ALA A 313 -36.66 -7.44 -6.59
CA ALA A 313 -36.04 -6.31 -5.92
C ALA A 313 -36.07 -5.11 -6.87
N VAL A 314 -36.71 -4.02 -6.43
CA VAL A 314 -36.76 -2.80 -7.23
C VAL A 314 -35.87 -1.71 -6.63
N TYR A 315 -35.51 -1.88 -5.35
CA TYR A 315 -34.57 -0.99 -4.68
C TYR A 315 -33.74 -1.79 -3.71
N ARG A 316 -32.44 -1.56 -3.78
CA ARG A 316 -31.50 -2.11 -2.81
C ARG A 316 -30.26 -1.23 -2.85
N PRO A 317 -29.67 -0.91 -1.68
CA PRO A 317 -28.43 -0.13 -1.73
C PRO A 317 -27.23 -1.02 -1.97
N THR A 318 -26.21 -0.49 -2.63
CA THR A 318 -24.89 -1.09 -2.56
C THR A 318 -24.42 -0.99 -1.11
N CYS A 319 -23.68 -1.99 -0.66
CA CYS A 319 -23.11 -1.95 0.68
C CYS A 319 -21.84 -2.75 0.76
N HIS A 320 -20.77 -2.11 1.20
CA HIS A 320 -19.54 -2.86 1.39
C HIS A 320 -18.58 -2.14 2.28
N TYR A 321 -17.61 -2.90 2.74
CA TYR A 321 -16.52 -2.39 3.58
C TYR A 321 -15.57 -1.57 2.71
N ALA A 322 -15.10 -0.45 3.28
CA ALA A 322 -14.02 0.35 2.72
C ALA A 322 -13.05 0.61 3.89
N TYR A 323 -12.19 -0.36 4.13
CA TYR A 323 -11.42 -0.45 5.38
C TYR A 323 -10.01 0.07 5.17
N HIS A 324 -9.66 1.13 5.89
CA HIS A 324 -8.27 1.54 5.95
C HIS A 324 -7.81 1.18 7.36
N PRO A 325 -7.10 0.06 7.48
CA PRO A 325 -6.63 -0.37 8.81
C PRO A 325 -5.44 0.48 9.23
N CYS A 326 -4.87 0.15 10.38
CA CYS A 326 -3.75 0.94 10.90
C CYS A 326 -2.58 0.87 9.93
N ASN A 327 -1.69 1.85 10.04
CA ASN A 327 -0.54 1.93 9.15
C ASN A 327 0.27 0.64 9.12
N ASP A 328 0.48 0.03 10.27
CA ASP A 328 1.25 -1.21 10.29
C ASP A 328 0.54 -2.35 9.59
N ALA A 329 -0.79 -2.35 9.62
CA ALA A 329 -1.56 -3.34 8.87
C ALA A 329 -1.52 -3.07 7.37
N VAL A 330 -1.54 -1.80 6.97
CA VAL A 330 -1.37 -1.48 5.55
C VAL A 330 -0.02 -2.01 5.07
N LEU A 331 1.04 -1.77 5.82
CA LEU A 331 2.35 -2.26 5.47
C LEU A 331 2.36 -3.79 5.49
N SER A 332 1.67 -4.39 6.44
CA SER A 332 1.61 -5.85 6.54
C SER A 332 0.94 -6.48 5.30
N LEU A 333 -0.13 -5.86 4.82
CA LEU A 333 -0.77 -6.34 3.62
C LEU A 333 0.13 -6.22 2.40
N HIS A 334 0.82 -5.09 2.28
CA HIS A 334 1.70 -4.88 1.15
C HIS A 334 2.81 -5.95 1.16
N GLU A 335 3.31 -6.24 2.36
CA GLU A 335 4.31 -7.29 2.57
C GLU A 335 3.77 -8.67 2.22
N MET A 336 2.59 -8.99 2.72
CA MET A 336 2.01 -10.30 2.53
C MET A 336 1.68 -10.57 1.06
N PHE A 337 0.95 -9.64 0.45
CA PHE A 337 0.61 -9.84 -0.94
C PHE A 337 1.82 -9.77 -1.86
N GLY A 338 2.77 -8.90 -1.53
CA GLY A 338 4.00 -8.82 -2.28
C GLY A 338 4.86 -10.07 -2.19
N SER A 339 4.79 -10.79 -1.08
CA SER A 339 5.59 -12.01 -0.92
C SER A 339 4.83 -13.24 -1.41
N GLY A 340 3.51 -13.14 -1.44
CA GLY A 340 2.67 -14.24 -1.85
C GLY A 340 2.45 -15.24 -0.75
N LYS A 341 2.78 -14.85 0.48
CA LYS A 341 2.71 -15.77 1.60
C LYS A 341 2.54 -15.01 2.91
N ARG A 342 1.88 -15.64 3.86
CA ARG A 342 1.77 -15.12 5.22
C ARG A 342 3.14 -14.93 5.82
N GLN A 343 3.33 -13.82 6.54
CA GLN A 343 4.54 -13.62 7.32
C GLN A 343 4.76 -14.77 8.29
N SER A 344 6.02 -14.96 8.68
CA SER A 344 6.40 -16.01 9.63
C SER A 344 5.84 -15.80 11.03
N ASP A 345 5.52 -14.56 11.37
CA ASP A 345 5.06 -14.22 12.70
C ASP A 345 4.01 -13.09 12.65
N TRP A 346 3.30 -12.89 13.73
CA TRP A 346 2.35 -11.81 13.80
C TRP A 346 2.21 -11.30 15.22
N ARG A 347 1.65 -10.10 15.33
CA ARG A 347 1.31 -9.57 16.62
C ARG A 347 0.13 -8.64 16.52
N ILE A 348 -0.64 -8.60 17.61
CA ILE A 348 -1.74 -7.69 17.75
C ILE A 348 -1.28 -6.58 18.70
N LEU A 349 -1.46 -5.34 18.28
CA LEU A 349 -1.06 -4.21 19.12
C LEU A 349 -1.87 -4.13 20.40
N ASP A 350 -1.17 -4.16 21.52
CA ASP A 350 -1.73 -3.97 22.85
C ASP A 350 -1.87 -2.48 23.08
N GLU A 351 -2.80 -2.09 23.96
CA GLU A 351 -2.96 -0.68 24.28
C GLU A 351 -1.65 -0.09 24.81
N THR A 352 -0.83 -0.89 25.47
CA THR A 352 0.44 -0.36 26.00
C THR A 352 1.45 -0.07 24.89
N GLU A 353 1.19 -0.59 23.70
CA GLU A 353 2.09 -0.44 22.56
C GLU A 353 1.59 0.60 21.58
N ILE A 354 0.50 1.28 21.91
CA ILE A 354 -0.10 2.25 21.00
C ILE A 354 0.18 3.68 21.49
N VAL A 355 0.83 4.48 20.66
CA VAL A 355 1.20 5.83 21.12
C VAL A 355 0.06 6.82 21.04
N ASP A 356 -0.83 6.62 20.08
CA ASP A 356 -1.96 7.52 19.89
C ASP A 356 -2.82 6.92 18.80
N GLY A 357 -3.93 7.58 18.49
CA GLY A 357 -4.79 7.13 17.41
C GLY A 357 -6.20 6.81 17.86
N ILE A 358 -7.04 6.63 16.85
CA ILE A 358 -8.45 6.34 17.03
C ILE A 358 -8.83 5.21 16.08
N ASP A 359 -9.98 4.60 16.34
CA ASP A 359 -10.59 3.75 15.35
C ASP A 359 -11.84 4.44 14.88
N GLU A 360 -11.77 5.09 13.73
CA GLU A 360 -12.89 5.85 13.22
C GLU A 360 -13.69 4.91 12.35
N LEU A 361 -14.87 4.56 12.84
CA LEU A 361 -15.65 3.51 12.24
C LEU A 361 -17.09 3.97 12.14
N GLY A 362 -17.58 4.03 10.91
CA GLY A 362 -18.91 4.52 10.71
C GLY A 362 -19.45 4.05 9.39
N VAL A 363 -20.65 4.53 9.07
CA VAL A 363 -21.30 4.21 7.82
C VAL A 363 -21.42 5.48 6.99
N LEU A 364 -21.08 5.34 5.72
CA LEU A 364 -21.11 6.44 4.76
C LEU A 364 -22.26 6.16 3.80
N LEU A 365 -23.37 6.86 4.02
CA LEU A 365 -24.54 6.78 3.16
C LEU A 365 -24.40 7.79 2.04
N TYR A 366 -24.54 7.35 0.80
CA TYR A 366 -24.33 8.26 -0.32
C TYR A 366 -25.42 8.18 -1.37
N GLY A 367 -25.49 9.23 -2.19
CA GLY A 367 -26.40 9.29 -3.31
C GLY A 367 -27.66 10.10 -3.06
N HIS A 368 -27.90 10.41 -1.79
CA HIS A 368 -29.07 11.20 -1.40
C HIS A 368 -28.82 12.68 -1.69
N GLY A 369 -29.76 13.52 -1.31
CA GLY A 369 -29.72 14.90 -1.71
C GLY A 369 -28.55 15.68 -1.14
N LYS A 370 -28.00 15.20 -0.02
CA LYS A 370 -26.87 15.87 0.60
C LYS A 370 -25.53 15.15 0.30
N ASN A 371 -25.58 14.34 -0.76
CA ASN A 371 -24.44 13.65 -1.33
C ASN A 371 -23.93 12.48 -0.51
N ALA A 372 -23.34 12.77 0.65
CA ALA A 372 -22.75 11.72 1.48
C ALA A 372 -22.80 12.14 2.93
N TYR A 373 -23.04 11.17 3.82
CA TYR A 373 -23.19 11.42 5.23
C TYR A 373 -22.50 10.27 5.94
N TRP A 374 -21.53 10.59 6.76
CA TRP A 374 -20.83 9.60 7.56
C TRP A 374 -21.34 9.67 8.99
N TYR A 375 -21.71 8.51 9.55
CA TYR A 375 -22.18 8.46 10.92
C TYR A 375 -21.47 7.33 11.62
N GLY A 376 -20.84 7.64 12.75
CA GLY A 376 -20.10 6.63 13.47
C GLY A 376 -19.26 7.13 14.61
N SER A 377 -18.41 6.23 15.09
CA SER A 377 -17.60 6.42 16.28
C SER A 377 -16.20 6.89 15.92
N GLN A 378 -15.69 7.80 16.74
CA GLN A 378 -14.28 8.26 16.64
C GLN A 378 -13.49 7.94 17.91
N LEU A 379 -13.70 6.76 18.49
CA LEU A 379 -13.13 6.38 19.77
C LEU A 379 -11.61 6.39 19.72
N SER A 380 -10.98 7.12 20.63
CA SER A 380 -9.54 7.17 20.72
C SER A 380 -8.97 6.15 21.69
N ILE A 381 -7.69 5.84 21.52
CA ILE A 381 -7.01 4.96 22.45
C ILE A 381 -6.96 5.58 23.84
N GLU A 382 -6.82 6.91 23.95
CA GLU A 382 -6.78 7.54 25.28
C GLU A 382 -8.09 7.42 26.04
N GLU A 383 -9.20 7.60 25.34
CA GLU A 383 -10.47 7.43 25.99
C GLU A 383 -10.69 5.97 26.35
N THR A 384 -10.32 5.08 25.46
CA THR A 384 -10.42 3.64 25.73
C THR A 384 -9.77 3.28 27.03
N ARG A 385 -8.55 3.76 27.26
CA ARG A 385 -7.86 3.37 28.48
C ARG A 385 -8.55 3.89 29.72
N ARG A 386 -9.22 5.03 29.61
CA ARG A 386 -9.95 5.58 30.74
C ARG A 386 -11.16 4.76 31.13
N ILE A 387 -11.76 4.05 30.16
CA ILE A 387 -13.09 3.48 30.38
C ILE A 387 -13.20 1.97 30.34
N ALA A 388 -12.22 1.28 29.80
CA ALA A 388 -12.27 -0.17 29.75
C ALA A 388 -10.87 -0.74 29.64
N PRO A 389 -10.57 -1.78 30.43
CA PRO A 389 -9.22 -2.32 30.44
C PRO A 389 -8.97 -3.37 29.37
N ASP A 390 -7.69 -3.69 29.16
CA ASP A 390 -7.26 -4.86 28.43
C ASP A 390 -7.60 -4.84 26.96
N GLN A 391 -7.72 -3.66 26.38
CA GLN A 391 -8.03 -3.58 24.97
C GLN A 391 -7.69 -2.22 24.38
N ASN A 392 -7.55 -2.21 23.05
CA ASN A 392 -7.35 -0.97 22.32
C ASN A 392 -8.68 -0.45 21.81
N ALA A 393 -8.67 0.60 21.00
CA ALA A 393 -9.91 1.23 20.57
C ALA A 393 -10.69 0.32 19.65
N THR A 394 -9.99 -0.42 18.82
CA THR A 394 -10.63 -1.36 17.91
C THR A 394 -11.38 -2.41 18.73
N GLY A 395 -10.70 -2.93 19.75
CA GLY A 395 -11.30 -3.99 20.53
C GLY A 395 -12.49 -3.50 21.32
N LEU A 396 -12.44 -2.28 21.83
CA LEU A 396 -13.54 -1.77 22.64
C LEU A 396 -14.81 -1.56 21.83
N GLN A 397 -14.66 -1.20 20.56
CA GLN A 397 -15.85 -1.03 19.72
C GLN A 397 -16.54 -2.37 19.55
N VAL A 398 -15.74 -3.44 19.47
CA VAL A 398 -16.29 -4.78 19.28
C VAL A 398 -16.83 -5.31 20.59
N SER A 399 -16.05 -5.22 21.65
CA SER A 399 -16.47 -5.78 22.92
C SER A 399 -17.73 -5.10 23.45
N SER A 400 -17.83 -3.80 23.26
CA SER A 400 -19.02 -3.09 23.71
C SER A 400 -20.26 -3.45 22.87
N ALA A 401 -20.07 -3.82 21.60
CA ALA A 401 -21.20 -4.26 20.78
C ALA A 401 -21.63 -5.64 21.24
N VAL A 402 -20.68 -6.50 21.61
CA VAL A 402 -21.03 -7.79 22.18
C VAL A 402 -21.82 -7.58 23.46
N LEU A 403 -21.39 -6.65 24.30
CA LEU A 403 -22.12 -6.30 25.52
C LEU A 403 -23.56 -5.92 25.19
N ALA A 404 -23.72 -5.02 24.21
CA ALA A 404 -25.04 -4.59 23.81
C ALA A 404 -25.90 -5.74 23.31
N GLY A 405 -25.33 -6.61 22.50
CA GLY A 405 -26.04 -7.77 22.00
C GLY A 405 -26.43 -8.73 23.11
N MET A 406 -25.55 -8.89 24.08
CA MET A 406 -25.86 -9.74 25.22
C MET A 406 -27.00 -9.14 26.04
N VAL A 407 -26.98 -7.83 26.27
CA VAL A 407 -28.10 -7.20 26.99
C VAL A 407 -29.39 -7.40 26.20
N TRP A 408 -29.35 -7.19 24.88
CA TRP A 408 -30.54 -7.35 24.08
C TRP A 408 -31.06 -8.79 24.19
N ALA A 409 -30.15 -9.75 24.12
CA ALA A 409 -30.56 -11.16 24.12
C ALA A 409 -31.19 -11.53 25.45
N LEU A 410 -30.62 -11.04 26.55
CA LEU A 410 -31.17 -11.31 27.87
C LEU A 410 -32.55 -10.65 28.02
N GLU A 411 -32.70 -9.48 27.41
CA GLU A 411 -33.97 -8.75 27.46
C GLU A 411 -35.01 -9.33 26.50
N ASN A 412 -34.55 -9.99 25.46
CA ASN A 412 -35.40 -10.59 24.43
C ASN A 412 -34.95 -12.01 24.17
N PRO A 413 -35.21 -12.92 25.12
CA PRO A 413 -34.55 -14.22 25.12
C PRO A 413 -35.24 -15.29 24.31
N ASN A 414 -36.35 -14.94 23.66
CA ASN A 414 -37.14 -15.90 22.91
C ASN A 414 -37.32 -15.44 21.47
N ALA A 415 -36.31 -14.79 20.93
CA ALA A 415 -36.40 -14.14 19.62
C ALA A 415 -35.85 -14.99 18.49
N GLY A 416 -35.30 -16.15 18.81
CA GLY A 416 -34.72 -17.00 17.79
C GLY A 416 -33.40 -16.47 17.26
N ILE A 417 -33.00 -16.99 16.12
CA ILE A 417 -31.76 -16.56 15.48
C ILE A 417 -31.97 -15.17 14.90
N VAL A 418 -31.12 -14.23 15.29
CA VAL A 418 -31.26 -12.84 14.86
C VAL A 418 -29.92 -12.27 14.44
N GLU A 419 -29.96 -11.34 13.52
CA GLU A 419 -28.80 -10.58 13.11
C GLU A 419 -28.86 -9.22 13.77
N ALA A 420 -27.78 -8.46 13.64
CA ALA A 420 -27.72 -7.14 14.20
C ALA A 420 -28.83 -6.23 13.68
N ASP A 421 -29.24 -6.45 12.43
CA ASP A 421 -30.31 -5.66 11.83
C ASP A 421 -31.68 -5.93 12.44
N ASP A 422 -31.80 -7.04 13.18
CA ASP A 422 -33.06 -7.44 13.81
C ASP A 422 -33.22 -6.88 15.22
N LEU A 423 -32.12 -6.44 15.80
CA LEU A 423 -32.16 -5.98 17.20
C LEU A 423 -32.74 -4.57 17.28
N ASP A 424 -33.18 -4.19 18.47
CA ASP A 424 -33.65 -2.83 18.73
C ASP A 424 -32.42 -1.92 18.73
N PHE A 425 -32.27 -1.12 17.68
CA PHE A 425 -31.01 -0.39 17.48
C PHE A 425 -30.85 0.69 18.54
N ARG A 426 -31.95 1.26 19.01
CA ARG A 426 -31.88 2.36 19.97
C ARG A 426 -31.42 1.79 21.32
N ARG A 427 -31.96 0.64 21.70
CA ARG A 427 -31.58 0.04 22.96
C ARG A 427 -30.11 -0.41 22.91
N CYS A 428 -29.70 -1.00 21.79
CA CYS A 428 -28.32 -1.45 21.65
C CYS A 428 -27.34 -0.30 21.69
N LEU A 429 -27.63 0.79 20.98
CA LEU A 429 -26.74 1.92 21.04
C LEU A 429 -26.76 2.60 22.40
N GLU A 430 -27.87 2.52 23.13
CA GLU A 430 -27.92 3.09 24.47
C GLU A 430 -26.93 2.36 25.39
N VAL A 431 -26.82 1.05 25.22
CA VAL A 431 -25.86 0.26 25.98
C VAL A 431 -24.43 0.52 25.52
N GLN A 432 -24.24 0.65 24.21
CA GLN A 432 -22.90 0.70 23.68
C GLN A 432 -22.27 2.07 23.76
N THR A 433 -23.07 3.12 23.63
CA THR A 433 -22.56 4.46 23.44
C THR A 433 -21.56 4.95 24.50
N PRO A 434 -21.69 4.50 25.76
CA PRO A 434 -20.66 4.91 26.72
C PRO A 434 -19.23 4.48 26.34
N TYR A 435 -19.08 3.54 25.41
CA TYR A 435 -17.80 2.99 25.05
C TYR A 435 -17.35 3.40 23.66
N LEU A 436 -18.08 4.32 23.03
CA LEU A 436 -17.80 4.68 21.62
C LEU A 436 -17.12 6.01 21.40
N GLY A 437 -16.87 6.76 22.46
CA GLY A 437 -16.30 8.08 22.30
C GLY A 437 -17.24 8.97 21.50
N PRO A 438 -16.69 9.96 20.80
CA PRO A 438 -17.57 10.81 20.00
C PRO A 438 -18.30 9.99 18.93
N VAL A 439 -19.61 10.16 18.86
CA VAL A 439 -20.41 9.54 17.81
C VAL A 439 -21.07 10.66 17.06
N VAL A 440 -20.67 10.83 15.80
CA VAL A 440 -21.00 12.03 15.06
C VAL A 440 -21.47 11.72 13.66
N GLY A 441 -22.25 12.64 13.11
CA GLY A 441 -22.69 12.57 11.73
C GLY A 441 -22.10 13.75 10.98
N VAL A 442 -21.48 13.49 9.84
CA VAL A 442 -20.78 14.52 9.08
C VAL A 442 -21.15 14.38 7.62
N TYR A 443 -21.60 15.47 7.03
CA TYR A 443 -21.82 15.54 5.60
C TYR A 443 -20.55 15.92 4.84
N THR A 444 -20.43 15.42 3.63
CA THR A 444 -19.35 15.84 2.75
C THR A 444 -19.81 15.96 1.32
N ASP A 445 -19.19 16.85 0.57
N ASP A 445 -19.13 16.85 0.62
CA ASP A 445 -19.43 16.95 -0.87
CA ASP A 445 -19.25 17.12 -0.79
C ASP A 445 -18.42 16.13 -1.67
C ASP A 445 -18.46 16.12 -1.63
N TRP A 446 -17.54 15.41 -0.99
CA TRP A 446 -16.60 14.55 -1.70
C TRP A 446 -17.38 13.49 -2.47
N THR A 447 -16.89 13.14 -3.66
CA THR A 447 -17.40 11.98 -4.37
C THR A 447 -16.22 11.26 -4.98
N PRO A 448 -16.40 10.02 -5.39
CA PRO A 448 -15.32 9.25 -6.01
C PRO A 448 -14.78 9.86 -7.31
N LEU A 449 -15.47 10.85 -7.89
CA LEU A 449 -14.96 11.54 -9.07
C LEU A 449 -14.17 12.81 -8.76
N ALA A 450 -13.99 13.14 -7.50
CA ALA A 450 -13.18 14.30 -7.15
C ALA A 450 -11.81 14.21 -7.84
N GLY A 451 -11.48 15.24 -8.61
CA GLY A 451 -10.18 15.34 -9.26
C GLY A 451 -10.04 14.47 -10.50
N ARG A 452 -11.15 13.88 -10.95
CA ARG A 452 -11.10 12.95 -12.08
C ARG A 452 -11.99 13.45 -13.22
N PRO A 453 -11.57 13.18 -14.47
CA PRO A 453 -10.37 12.41 -14.78
C PRO A 453 -9.11 13.22 -14.56
N GLY A 454 -7.99 12.53 -14.37
CA GLY A 454 -6.73 13.19 -14.10
C GLY A 454 -5.85 13.16 -15.34
N LEU A 455 -4.59 12.80 -15.11
CA LEU A 455 -3.56 12.81 -16.14
C LEU A 455 -3.78 11.74 -17.20
N PHE A 456 -4.49 10.67 -16.84
CA PHE A 456 -4.69 9.56 -17.76
C PHE A 456 -6.17 9.28 -18.02
N PRO A 457 -6.48 8.70 -19.18
CA PRO A 457 -7.86 8.30 -19.45
C PRO A 457 -8.35 7.29 -18.43
N GLU A 458 -9.61 7.40 -18.07
CA GLU A 458 -10.21 6.47 -17.15
C GLU A 458 -11.61 6.16 -17.63
N ASP A 459 -12.04 4.93 -17.38
CA ASP A 459 -13.42 4.55 -17.62
C ASP A 459 -14.26 4.94 -16.40
N ILE A 460 -14.84 6.13 -16.44
CA ILE A 460 -15.67 6.61 -15.36
C ILE A 460 -17.06 6.97 -15.88
N ASP A 461 -18.01 6.98 -14.96
CA ASP A 461 -19.39 7.39 -15.25
C ASP A 461 -19.61 8.76 -14.62
N THR A 462 -19.50 9.82 -15.42
CA THR A 462 -19.56 11.16 -14.84
C THR A 462 -20.99 11.56 -14.48
N SER A 463 -21.97 10.80 -14.94
CA SER A 463 -23.37 11.11 -14.67
C SER A 463 -23.80 10.67 -13.27
N ASP A 464 -22.97 9.87 -12.61
CA ASP A 464 -23.38 9.19 -11.39
C ASP A 464 -22.12 8.88 -10.62
N PRO A 465 -21.62 9.86 -9.87
CA PRO A 465 -20.30 9.75 -9.23
C PRO A 465 -20.10 8.52 -8.38
N TRP A 466 -21.15 8.04 -7.74
CA TRP A 466 -21.00 6.98 -6.74
C TRP A 466 -21.11 5.56 -7.34
N GLN A 467 -21.26 5.45 -8.64
CA GLN A 467 -21.22 4.14 -9.27
C GLN A 467 -19.98 3.37 -8.83
N PHE A 468 -20.13 2.06 -8.62
CA PHE A 468 -19.00 1.22 -8.27
C PHE A 468 -17.91 1.33 -9.33
N ARG A 469 -18.32 1.55 -10.58
CA ARG A 469 -17.36 1.81 -11.67
C ARG A 469 -16.36 2.88 -11.29
N ASN A 470 -16.81 3.87 -10.53
CA ASN A 470 -15.94 4.98 -10.15
C ASN A 470 -15.21 4.74 -8.82
N VAL A 471 -15.83 3.94 -7.96
CA VAL A 471 -15.29 3.68 -6.63
C VAL A 471 -14.14 2.69 -6.68
N LEU A 472 -14.30 1.63 -7.46
CA LEU A 472 -13.29 0.58 -7.54
C LEU A 472 -12.02 1.14 -8.13
N VAL A 473 -10.88 0.82 -7.50
CA VAL A 473 -9.58 1.20 -8.03
C VAL A 473 -9.17 0.17 -9.07
N ARG A 474 -9.03 0.65 -10.30
CA ARG A 474 -8.80 -0.19 -11.48
C ARG A 474 -7.51 0.25 -12.18
N ASP B 1 44.44 7.61 3.79
CA ASP B 1 43.83 8.89 3.42
C ASP B 1 42.92 8.72 2.20
N TRP B 2 41.90 9.57 2.10
CA TRP B 2 41.02 9.54 0.94
C TRP B 2 41.77 9.98 -0.31
N PRO B 3 41.55 9.29 -1.44
CA PRO B 3 42.22 9.71 -2.67
C PRO B 3 41.72 11.06 -3.17
N VAL B 4 42.64 11.95 -3.49
CA VAL B 4 42.30 13.16 -4.22
C VAL B 4 42.59 12.87 -5.68
N TYR B 5 41.54 12.72 -6.46
CA TYR B 5 41.68 12.18 -7.81
C TYR B 5 42.31 13.18 -8.77
N HIS B 6 41.83 14.40 -8.72
CA HIS B 6 42.29 15.44 -9.63
C HIS B 6 42.14 16.81 -9.01
N ARG B 7 42.82 17.77 -9.61
CA ARG B 7 42.57 19.16 -9.33
C ARG B 7 41.49 19.67 -10.29
N ILE B 8 40.56 20.46 -9.78
CA ILE B 8 39.60 21.16 -10.63
C ILE B 8 40.03 22.62 -10.62
N ASP B 9 40.44 23.13 -11.77
CA ASP B 9 41.07 24.45 -11.82
C ASP B 9 40.10 25.58 -12.12
N GLY B 10 38.87 25.24 -12.48
CA GLY B 10 37.86 26.24 -12.80
C GLY B 10 36.74 26.27 -11.78
N PRO B 11 35.66 26.98 -12.11
CA PRO B 11 34.53 27.06 -11.17
C PRO B 11 33.78 25.75 -11.08
N ILE B 12 33.32 25.43 -9.88
CA ILE B 12 32.43 24.30 -9.68
C ILE B 12 31.09 24.91 -9.31
N VAL B 13 30.13 24.74 -10.21
CA VAL B 13 28.82 25.36 -10.06
C VAL B 13 27.82 24.29 -9.74
N MET B 14 27.37 24.28 -8.50
CA MET B 14 26.38 23.31 -8.04
CA MET B 14 26.37 23.31 -8.07
C MET B 14 24.99 23.93 -8.11
N ILE B 15 24.15 23.38 -8.99
CA ILE B 15 22.78 23.81 -9.10
C ILE B 15 21.92 22.86 -8.27
N GLY B 16 21.33 23.40 -7.20
CA GLY B 16 20.49 22.62 -6.31
C GLY B 16 21.30 22.15 -5.12
N PHE B 17 20.76 22.38 -3.93
CA PHE B 17 21.42 21.97 -2.70
C PHE B 17 20.37 21.35 -1.77
N GLY B 18 19.74 20.31 -2.29
CA GLY B 18 18.78 19.52 -1.52
C GLY B 18 19.50 18.31 -0.98
N SER B 19 18.78 17.21 -0.81
CA SER B 19 19.39 16.04 -0.16
C SER B 19 20.64 15.54 -0.89
N ILE B 20 20.63 15.56 -2.21
CA ILE B 20 21.77 15.01 -2.95
C ILE B 20 22.92 16.03 -3.02
N GLY B 21 22.61 17.28 -3.28
CA GLY B 21 23.61 18.34 -3.21
C GLY B 21 24.35 18.34 -1.89
N ARG B 22 23.61 18.20 -0.80
CA ARG B 22 24.22 18.21 0.53
C ARG B 22 25.13 17.02 0.75
N GLY B 23 24.82 15.89 0.12
CA GLY B 23 25.67 14.73 0.25
C GLY B 23 26.84 14.75 -0.72
N THR B 24 26.70 15.48 -1.82
CA THR B 24 27.70 15.46 -2.88
C THR B 24 28.81 16.47 -2.60
N LEU B 25 28.43 17.64 -2.11
CA LEU B 25 29.42 18.68 -1.85
C LEU B 25 30.56 18.19 -0.96
N PRO B 26 30.26 17.47 0.13
CA PRO B 26 31.41 16.99 0.90
C PRO B 26 32.33 16.02 0.16
N LEU B 27 31.78 15.19 -0.73
CA LEU B 27 32.61 14.28 -1.49
C LEU B 27 33.45 15.05 -2.51
N ILE B 28 32.90 16.12 -3.05
CA ILE B 28 33.65 16.95 -3.99
C ILE B 28 34.83 17.57 -3.26
N GLU B 29 34.58 18.10 -2.07
CA GLU B 29 35.64 18.74 -1.28
C GLU B 29 36.72 17.73 -0.87
N ARG B 30 36.27 16.51 -0.57
CA ARG B 30 37.16 15.45 -0.11
C ARG B 30 38.09 14.95 -1.21
N HIS B 31 37.57 14.82 -2.43
CA HIS B 31 38.24 14.03 -3.48
C HIS B 31 38.80 14.85 -4.63
N PHE B 32 38.60 16.16 -4.61
CA PHE B 32 39.18 17.03 -5.62
C PHE B 32 39.94 18.15 -4.95
N ALA B 33 41.03 18.58 -5.56
CA ALA B 33 41.75 19.74 -5.09
C ALA B 33 41.26 20.94 -5.88
N PHE B 34 40.91 22.01 -5.20
CA PHE B 34 40.49 23.23 -5.85
C PHE B 34 40.46 24.32 -4.81
N ASP B 35 40.48 25.57 -5.25
CA ASP B 35 40.30 26.65 -4.30
C ASP B 35 38.84 26.71 -3.89
N ARG B 36 38.59 26.57 -2.59
CA ARG B 36 37.24 26.55 -2.04
C ARG B 36 36.38 27.71 -2.52
N SER B 37 36.98 28.87 -2.80
CA SER B 37 36.18 30.02 -3.20
C SER B 37 35.67 29.90 -4.65
N LYS B 38 36.13 28.90 -5.39
CA LYS B 38 35.66 28.67 -6.76
C LYS B 38 34.37 27.87 -6.79
N LEU B 39 33.96 27.32 -5.66
CA LEU B 39 32.71 26.59 -5.63
C LEU B 39 31.57 27.57 -5.42
N VAL B 40 30.49 27.40 -6.15
CA VAL B 40 29.31 28.22 -5.96
C VAL B 40 28.08 27.29 -5.99
N VAL B 41 27.16 27.56 -5.08
CA VAL B 41 25.91 26.80 -4.94
C VAL B 41 24.76 27.74 -5.23
N ILE B 42 23.83 27.26 -6.07
CA ILE B 42 22.67 28.05 -6.46
C ILE B 42 21.41 27.29 -6.08
N ASP B 43 20.55 27.89 -5.27
CA ASP B 43 19.32 27.24 -4.84
C ASP B 43 18.42 28.33 -4.31
N PRO B 44 17.11 28.26 -4.63
CA PRO B 44 16.20 29.30 -4.16
C PRO B 44 15.82 29.24 -2.68
N SER B 45 16.12 28.16 -1.98
CA SER B 45 15.58 28.00 -0.62
C SER B 45 16.47 28.60 0.47
N ASP B 46 15.82 29.12 1.51
CA ASP B 46 16.51 29.65 2.67
C ASP B 46 17.24 28.54 3.42
N GLU B 47 16.59 27.38 3.50
CA GLU B 47 17.20 26.22 4.13
C GLU B 47 18.56 25.93 3.53
N ALA B 48 18.63 25.87 2.20
CA ALA B 48 19.88 25.63 1.51
C ALA B 48 20.87 26.73 1.76
N ARG B 49 20.38 27.97 1.80
CA ARG B 49 21.28 29.10 1.97
C ARG B 49 22.01 28.99 3.31
N LYS B 50 21.25 28.70 4.36
CA LYS B 50 21.85 28.59 5.67
C LYS B 50 22.85 27.45 5.75
N LEU B 51 22.57 26.35 5.07
CA LEU B 51 23.47 25.22 5.11
C LEU B 51 24.77 25.56 4.36
N ALA B 52 24.67 26.29 3.26
CA ALA B 52 25.85 26.64 2.48
C ALA B 52 26.71 27.65 3.22
N GLU B 53 26.04 28.60 3.87
CA GLU B 53 26.71 29.60 4.70
C GLU B 53 27.45 28.94 5.86
N ALA B 54 26.87 27.89 6.43
CA ALA B 54 27.52 27.16 7.51
C ALA B 54 28.81 26.53 7.04
N ARG B 55 28.87 26.21 5.76
CA ARG B 55 30.06 25.60 5.16
C ARG B 55 31.04 26.64 4.61
N GLY B 56 30.65 27.91 4.66
CA GLY B 56 31.49 28.98 4.13
C GLY B 56 31.62 28.88 2.63
N VAL B 57 30.57 28.42 1.96
CA VAL B 57 30.57 28.26 0.52
C VAL B 57 29.75 29.36 -0.15
N ARG B 58 30.25 29.87 -1.26
CA ARG B 58 29.54 30.91 -2.00
C ARG B 58 28.14 30.44 -2.40
N PHE B 59 27.14 31.28 -2.16
CA PHE B 59 25.74 30.92 -2.39
C PHE B 59 25.03 32.01 -3.17
N ILE B 60 24.20 31.59 -4.12
CA ILE B 60 23.32 32.48 -4.83
C ILE B 60 21.91 31.97 -4.66
N GLN B 61 21.06 32.78 -4.06
CA GLN B 61 19.69 32.36 -3.79
C GLN B 61 18.76 32.69 -4.94
N GLN B 62 18.79 31.86 -5.97
CA GLN B 62 17.96 32.05 -7.14
C GLN B 62 17.46 30.71 -7.59
N ALA B 63 16.24 30.70 -8.12
CA ALA B 63 15.76 29.58 -8.91
C ALA B 63 16.22 29.79 -10.34
N VAL B 64 16.85 28.77 -10.90
CA VAL B 64 17.25 28.81 -12.29
C VAL B 64 16.02 28.51 -13.14
N THR B 65 15.73 29.39 -14.08
CA THR B 65 14.54 29.28 -14.89
C THR B 65 14.90 29.44 -16.34
N ARG B 66 13.96 29.12 -17.23
CA ARG B 66 14.19 29.30 -18.64
C ARG B 66 14.50 30.77 -18.92
N ASP B 67 13.87 31.67 -18.15
CA ASP B 67 14.05 33.10 -18.36
C ASP B 67 15.45 33.60 -17.99
N ASN B 68 16.02 33.05 -16.93
CA ASN B 68 17.27 33.61 -16.39
C ASN B 68 18.52 32.75 -16.56
N TYR B 69 18.38 31.53 -17.05
CA TYR B 69 19.50 30.57 -16.90
C TYR B 69 20.74 30.99 -17.67
N ARG B 70 20.56 31.59 -18.84
CA ARG B 70 21.71 32.02 -19.62
C ARG B 70 22.47 33.17 -18.95
N GLU B 71 21.76 34.20 -18.53
CA GLU B 71 22.43 35.36 -17.94
C GLU B 71 23.01 35.00 -16.58
N LEU B 72 22.35 34.07 -15.88
CA LEU B 72 22.81 33.67 -14.57
C LEU B 72 24.03 32.73 -14.62
N LEU B 73 23.96 31.71 -15.47
CA LEU B 73 24.97 30.65 -15.44
C LEU B 73 26.21 30.89 -16.29
N VAL B 74 26.08 31.61 -17.40
CA VAL B 74 27.24 31.74 -18.30
C VAL B 74 28.44 32.39 -17.58
N PRO B 75 28.23 33.50 -16.83
CA PRO B 75 29.38 34.09 -16.13
C PRO B 75 29.98 33.14 -15.10
N LEU B 76 29.15 32.33 -14.46
CA LEU B 76 29.64 31.41 -13.46
C LEU B 76 30.45 30.29 -14.10
N LEU B 77 29.96 29.77 -15.21
CA LEU B 77 30.60 28.64 -15.86
C LEU B 77 31.92 29.03 -16.52
N THR B 78 32.03 30.29 -16.89
CA THR B 78 33.18 30.75 -17.66
C THR B 78 34.14 31.62 -16.85
N ALA B 79 33.99 31.62 -15.53
CA ALA B 79 34.79 32.51 -14.67
C ALA B 79 36.28 32.15 -14.65
N GLY B 80 36.59 30.94 -15.06
CA GLY B 80 37.98 30.51 -15.18
C GLY B 80 38.63 30.31 -13.81
N PRO B 81 39.95 30.08 -13.79
CA PRO B 81 40.79 29.92 -14.98
C PRO B 81 40.53 28.52 -15.53
N GLY B 82 40.37 28.40 -16.84
CA GLY B 82 40.06 27.09 -17.41
C GLY B 82 38.76 26.43 -16.95
N GLN B 83 38.70 25.13 -17.19
CA GLN B 83 37.43 24.41 -17.30
C GLN B 83 36.64 24.29 -16.02
N GLY B 84 35.43 24.81 -16.06
CA GLY B 84 34.48 24.63 -14.98
C GLY B 84 33.72 23.33 -15.04
N PHE B 85 32.95 23.09 -14.00
CA PHE B 85 32.16 21.89 -13.90
C PHE B 85 30.81 22.28 -13.33
N CYS B 86 29.77 22.04 -14.12
CA CYS B 86 28.40 22.25 -13.68
C CYS B 86 27.87 20.94 -13.12
N VAL B 87 27.49 20.98 -11.84
CA VAL B 87 26.99 19.80 -11.13
C VAL B 87 25.54 20.09 -10.81
N ASN B 88 24.66 19.49 -11.59
CA ASN B 88 23.25 19.83 -11.56
C ASN B 88 22.47 18.79 -10.78
N LEU B 89 22.04 19.19 -9.59
CA LEU B 89 21.34 18.30 -8.65
C LEU B 89 20.05 18.99 -8.20
N SER B 90 19.32 19.53 -9.17
CA SER B 90 18.15 20.36 -8.88
C SER B 90 16.88 19.64 -9.31
N VAL B 91 15.76 20.22 -8.91
CA VAL B 91 14.47 19.92 -9.51
C VAL B 91 14.01 21.17 -10.27
N ASP B 92 13.04 21.01 -11.16
CA ASP B 92 12.36 22.12 -11.83
C ASP B 92 13.19 22.83 -12.90
N THR B 93 14.34 22.27 -13.25
CA THR B 93 15.23 22.87 -14.25
C THR B 93 15.39 21.95 -15.45
N SER B 94 15.64 22.53 -16.62
CA SER B 94 15.84 21.74 -17.82
C SER B 94 17.25 21.21 -17.90
N SER B 95 17.38 19.90 -17.72
CA SER B 95 18.69 19.25 -17.85
C SER B 95 19.29 19.51 -19.24
N LEU B 96 18.47 19.35 -20.27
CA LEU B 96 18.96 19.54 -21.62
C LEU B 96 19.45 20.97 -21.86
N ASP B 97 18.67 21.97 -21.45
CA ASP B 97 19.07 23.34 -21.74
C ASP B 97 20.34 23.71 -20.98
N ILE B 98 20.44 23.30 -19.73
CA ILE B 98 21.61 23.63 -18.95
C ILE B 98 22.82 22.87 -19.48
N MET B 99 22.64 21.59 -19.77
CA MET B 99 23.69 20.80 -20.40
C MET B 99 24.22 21.45 -21.68
N GLU B 100 23.32 21.91 -22.54
CA GLU B 100 23.73 22.53 -23.80
C GLU B 100 24.48 23.84 -23.55
N LEU B 101 24.07 24.56 -22.52
CA LEU B 101 24.71 25.82 -22.18
C LEU B 101 26.11 25.55 -21.66
N ALA B 102 26.25 24.57 -20.79
CA ALA B 102 27.56 24.18 -20.29
C ALA B 102 28.50 23.82 -21.45
N ARG B 103 28.02 22.97 -22.34
CA ARG B 103 28.82 22.53 -23.49
C ARG B 103 29.24 23.69 -24.39
N GLU B 104 28.31 24.62 -24.62
CA GLU B 104 28.54 25.77 -25.48
C GLU B 104 29.64 26.65 -24.92
N ASN B 105 29.82 26.57 -23.61
CA ASN B 105 30.80 27.39 -22.91
C ASN B 105 31.98 26.59 -22.38
N GLY B 106 32.08 25.35 -22.83
CA GLY B 106 33.24 24.54 -22.54
C GLY B 106 33.33 24.01 -21.12
N ALA B 107 32.22 24.02 -20.42
CA ALA B 107 32.17 23.50 -19.06
C ALA B 107 31.68 22.06 -19.08
N LEU B 108 32.30 21.24 -18.25
CA LEU B 108 31.83 19.89 -17.99
C LEU B 108 30.50 19.97 -17.27
N TYR B 109 29.70 18.94 -17.42
CA TYR B 109 28.36 18.89 -16.86
C TYR B 109 28.05 17.49 -16.38
N ILE B 110 27.30 17.40 -15.28
CA ILE B 110 26.75 16.13 -14.81
C ILE B 110 25.42 16.39 -14.14
N ASP B 111 24.50 15.44 -14.32
CA ASP B 111 23.24 15.45 -13.57
C ASP B 111 22.80 14.03 -13.29
N THR B 112 21.66 13.90 -12.63
CA THR B 112 21.17 12.59 -12.22
C THR B 112 19.81 12.27 -12.80
N VAL B 113 19.32 13.11 -13.69
CA VAL B 113 17.96 13.00 -14.19
C VAL B 113 17.80 13.90 -15.40
N VAL B 114 16.94 13.51 -16.35
CA VAL B 114 16.53 14.40 -17.44
C VAL B 114 15.21 15.01 -16.99
N GLU B 115 15.31 16.26 -16.58
CA GLU B 115 14.24 17.02 -15.97
C GLU B 115 13.87 18.11 -16.99
N PRO B 116 12.58 18.42 -17.13
CA PRO B 116 12.16 19.61 -17.88
C PRO B 116 12.08 20.87 -17.01
N TRP B 117 11.98 22.03 -17.64
CA TRP B 117 11.66 23.25 -16.90
C TRP B 117 10.34 23.12 -16.16
N LEU B 118 10.27 23.73 -14.98
CA LEU B 118 9.06 23.79 -14.19
C LEU B 118 7.87 24.17 -15.04
N GLY B 119 6.76 23.48 -14.81
CA GLY B 119 5.52 23.77 -15.49
C GLY B 119 5.22 22.66 -16.48
N PHE B 120 6.27 21.92 -16.85
CA PHE B 120 6.17 20.89 -17.87
C PHE B 120 5.00 19.95 -17.63
N TYR B 121 4.96 19.34 -16.45
CA TYR B 121 4.02 18.24 -16.17
C TYR B 121 2.59 18.67 -15.85
N PHE B 122 2.40 19.94 -15.50
CA PHE B 122 1.06 20.46 -15.20
C PHE B 122 0.41 21.03 -16.46
N ASP B 123 1.15 21.00 -17.57
CA ASP B 123 0.61 21.37 -18.86
C ASP B 123 -0.55 20.43 -19.21
N PRO B 124 -1.80 20.94 -19.18
CA PRO B 124 -2.93 20.04 -19.46
C PRO B 124 -3.01 19.70 -20.95
N ASP B 125 -2.19 20.39 -21.74
CA ASP B 125 -2.09 20.11 -23.17
C ASP B 125 -1.24 18.87 -23.42
N LEU B 126 -0.35 18.56 -22.48
CA LEU B 126 0.63 17.48 -22.67
C LEU B 126 0.01 16.10 -22.76
N LYS B 127 0.23 15.43 -23.88
CA LYS B 127 -0.20 14.06 -24.04
C LYS B 127 0.68 13.16 -23.18
N PRO B 128 0.16 12.00 -22.77
CA PRO B 128 0.96 11.13 -21.91
C PRO B 128 2.33 10.76 -22.50
N GLU B 129 2.41 10.51 -23.80
N GLU B 129 2.41 10.50 -23.80
CA GLU B 129 3.66 10.11 -24.43
CA GLU B 129 3.69 10.10 -24.40
C GLU B 129 4.73 11.17 -24.22
C GLU B 129 4.74 11.17 -24.18
N ALA B 130 4.32 12.43 -24.26
CA ALA B 130 5.24 13.54 -24.09
C ALA B 130 5.74 13.65 -22.65
N ARG B 131 5.04 13.00 -21.73
N ARG B 131 5.03 12.99 -21.73
CA ARG B 131 5.43 13.03 -20.32
CA ARG B 131 5.39 13.02 -20.32
C ARG B 131 6.50 11.99 -20.04
C ARG B 131 6.27 11.83 -19.95
N SER B 132 6.66 11.03 -20.95
CA SER B 132 7.48 9.85 -20.68
C SER B 132 8.95 10.21 -20.59
N ASN B 133 9.70 9.40 -19.83
CA ASN B 133 11.13 9.59 -19.80
C ASN B 133 11.78 9.20 -21.13
N TYR B 134 11.14 8.34 -21.89
CA TYR B 134 11.60 8.02 -23.24
C TYR B 134 11.69 9.29 -24.09
N ALA B 135 10.64 10.11 -24.04
CA ALA B 135 10.60 11.36 -24.80
C ALA B 135 11.70 12.30 -24.34
N LEU B 136 11.84 12.43 -23.02
CA LEU B 136 12.83 13.33 -22.47
C LEU B 136 14.22 12.88 -22.88
N ARG B 137 14.46 11.58 -22.84
CA ARG B 137 15.74 11.04 -23.23
C ARG B 137 15.99 11.29 -24.70
N GLU B 138 14.94 11.22 -25.52
CA GLU B 138 15.13 11.44 -26.95
C GLU B 138 15.60 12.86 -27.26
N THR B 139 15.25 13.82 -26.42
CA THR B 139 15.76 15.17 -26.65
C THR B 139 17.26 15.20 -26.43
N VAL B 140 17.75 14.39 -25.49
CA VAL B 140 19.18 14.35 -25.22
C VAL B 140 19.90 13.62 -26.35
N LEU B 141 19.35 12.50 -26.80
CA LEU B 141 19.94 11.79 -27.93
C LEU B 141 19.98 12.64 -29.18
N ALA B 142 18.94 13.43 -29.41
CA ALA B 142 18.94 14.31 -30.58
C ALA B 142 19.99 15.41 -30.43
N ALA B 143 20.18 15.92 -29.21
CA ALA B 143 21.25 16.90 -28.97
C ALA B 143 22.61 16.29 -29.33
N ARG B 144 22.80 15.02 -28.96
CA ARG B 144 24.05 14.34 -29.25
C ARG B 144 24.27 14.14 -30.76
N ARG B 145 23.20 13.82 -31.48
CA ARG B 145 23.29 13.73 -32.93
C ARG B 145 23.58 15.09 -33.55
N ASN B 146 22.95 16.14 -33.03
CA ASN B 146 23.10 17.49 -33.57
C ASN B 146 24.51 18.02 -33.39
N LYS B 147 25.10 17.73 -32.24
CA LYS B 147 26.44 18.21 -31.89
C LYS B 147 27.30 17.08 -31.34
N PRO B 148 27.78 16.18 -32.23
CA PRO B 148 28.61 15.04 -31.84
C PRO B 148 29.92 15.48 -31.20
N GLY B 149 30.39 14.70 -30.23
CA GLY B 149 31.63 15.01 -29.55
C GLY B 149 31.56 16.31 -28.76
N GLY B 150 32.70 16.95 -28.61
CA GLY B 150 32.77 18.17 -27.82
C GLY B 150 32.88 17.85 -26.34
N THR B 151 32.69 18.88 -25.53
CA THR B 151 32.87 18.80 -24.09
C THR B 151 31.93 17.75 -23.46
N THR B 152 32.48 16.99 -22.52
CA THR B 152 31.72 15.93 -21.88
C THR B 152 30.58 16.46 -21.03
N ALA B 153 29.40 15.88 -21.25
CA ALA B 153 28.26 16.12 -20.38
C ALA B 153 27.71 14.76 -20.04
N VAL B 154 27.64 14.49 -18.75
CA VAL B 154 27.18 13.19 -18.30
C VAL B 154 25.73 13.27 -17.84
N SER B 155 24.86 12.59 -18.58
CA SER B 155 23.42 12.56 -18.30
C SER B 155 23.04 11.38 -17.41
N CYS B 156 22.32 11.65 -16.33
CA CYS B 156 21.68 10.62 -15.51
C CYS B 156 22.69 9.69 -14.86
N CYS B 157 23.58 10.29 -14.08
CA CYS B 157 24.63 9.59 -13.35
C CYS B 157 24.46 9.73 -11.84
N GLY B 158 23.35 9.16 -11.36
CA GLY B 158 23.12 8.96 -9.95
C GLY B 158 23.23 7.48 -9.58
N ALA B 159 22.42 7.05 -8.62
CA ALA B 159 22.41 5.63 -8.24
C ALA B 159 21.63 4.84 -9.27
N ASN B 160 20.45 5.35 -9.60
CA ASN B 160 19.60 4.71 -10.60
C ASN B 160 18.62 5.75 -11.13
N PRO B 161 18.84 6.26 -12.35
CA PRO B 161 19.88 5.91 -13.32
C PRO B 161 21.28 6.24 -12.84
N GLY B 162 22.26 5.53 -13.39
CA GLY B 162 23.66 5.81 -13.14
C GLY B 162 24.40 4.55 -12.78
N MET B 163 24.74 4.42 -11.50
CA MET B 163 25.45 3.25 -10.99
C MET B 163 24.90 1.92 -11.48
N VAL B 164 23.58 1.79 -11.57
CA VAL B 164 23.04 0.49 -11.97
C VAL B 164 23.45 0.04 -13.35
N SER B 165 23.81 0.99 -14.24
CA SER B 165 24.35 0.57 -15.55
C SER B 165 25.68 -0.14 -15.39
N TRP B 166 26.47 0.33 -14.44
CA TRP B 166 27.77 -0.29 -14.17
C TRP B 166 27.52 -1.66 -13.54
N PHE B 167 26.54 -1.75 -12.65
CA PHE B 167 26.15 -3.05 -12.09
C PHE B 167 25.68 -4.02 -13.17
N VAL B 168 24.93 -3.55 -14.17
CA VAL B 168 24.53 -4.45 -15.24
C VAL B 168 25.75 -5.06 -15.95
N LYS B 169 26.74 -4.23 -16.26
CA LYS B 169 27.94 -4.73 -16.92
C LYS B 169 28.65 -5.78 -16.08
N GLN B 170 28.84 -5.49 -14.80
CA GLN B 170 29.51 -6.41 -13.90
C GLN B 170 28.70 -7.69 -13.79
N ALA B 171 27.38 -7.57 -13.66
CA ALA B 171 26.50 -8.74 -13.56
C ALA B 171 26.62 -9.61 -14.80
N LEU B 172 26.67 -8.99 -15.98
CA LEU B 172 26.85 -9.77 -17.20
C LEU B 172 28.17 -10.54 -17.22
N VAL B 173 29.24 -9.88 -16.80
CA VAL B 173 30.53 -10.52 -16.68
C VAL B 173 30.47 -11.71 -15.71
N ASN B 174 29.84 -11.50 -14.56
CA ASN B 174 29.71 -12.57 -13.57
C ASN B 174 28.84 -13.71 -14.08
N LEU B 175 27.73 -13.39 -14.73
CA LEU B 175 26.90 -14.44 -15.32
C LEU B 175 27.65 -15.25 -16.34
N ALA B 176 28.43 -14.58 -17.19
CA ALA B 176 29.19 -15.29 -18.22
C ALA B 176 30.16 -16.29 -17.62
N ALA B 177 30.83 -15.91 -16.54
CA ALA B 177 31.76 -16.84 -15.89
C ALA B 177 30.99 -17.98 -15.23
N ASP B 178 29.85 -17.67 -14.61
CA ASP B 178 29.09 -18.70 -13.89
C ASP B 178 28.35 -19.64 -14.85
N LEU B 179 28.03 -19.15 -16.04
CA LEU B 179 27.34 -19.97 -17.03
C LEU B 179 28.32 -20.63 -18.00
N GLY B 180 29.60 -20.27 -17.89
CA GLY B 180 30.64 -20.84 -18.72
C GLY B 180 30.61 -20.34 -20.15
N VAL B 181 30.08 -19.14 -20.36
CA VAL B 181 30.09 -18.52 -21.68
C VAL B 181 31.45 -17.88 -21.92
N THR B 182 32.19 -18.43 -22.86
CA THR B 182 33.56 -17.97 -23.13
C THR B 182 33.58 -16.78 -24.07
N GLY B 183 34.70 -16.09 -24.11
CA GLY B 183 34.86 -14.92 -24.93
C GLY B 183 35.49 -13.81 -24.12
N GLU B 184 36.11 -12.86 -24.81
CA GLU B 184 36.74 -11.73 -24.15
C GLU B 184 35.65 -10.83 -23.58
N GLU B 185 35.97 -10.11 -22.51
CA GLU B 185 35.05 -9.13 -21.96
C GLU B 185 34.69 -8.10 -23.02
N PRO B 186 33.42 -7.77 -23.17
CA PRO B 186 33.05 -6.76 -24.17
C PRO B 186 33.70 -5.40 -23.93
N THR B 187 33.98 -4.69 -25.02
CA THR B 187 34.59 -3.36 -24.95
C THR B 187 33.85 -2.38 -25.86
N THR B 188 32.72 -2.82 -26.43
CA THR B 188 31.86 -1.96 -27.24
C THR B 188 30.41 -2.25 -26.92
N ARG B 189 29.54 -1.27 -27.16
CA ARG B 189 28.10 -1.45 -26.99
C ARG B 189 27.60 -2.72 -27.68
N GLU B 190 28.03 -2.92 -28.91
CA GLU B 190 27.58 -4.04 -29.69
C GLU B 190 27.95 -5.35 -29.03
N GLU B 191 29.15 -5.40 -28.45
CA GLU B 191 29.63 -6.60 -27.78
C GLU B 191 28.87 -6.85 -26.49
N TRP B 192 28.56 -5.80 -25.74
CA TRP B 192 27.77 -5.95 -24.53
C TRP B 192 26.40 -6.49 -24.86
N ALA B 193 25.77 -5.95 -25.89
CA ALA B 193 24.43 -6.39 -26.26
C ALA B 193 24.47 -7.85 -26.67
N ARG B 194 25.50 -8.21 -27.44
CA ARG B 194 25.64 -9.60 -27.88
C ARG B 194 25.85 -10.54 -26.72
N LEU B 195 26.55 -10.10 -25.69
CA LEU B 195 26.77 -10.92 -24.50
C LEU B 195 25.46 -11.14 -23.79
N ALA B 196 24.68 -10.08 -23.58
CA ALA B 196 23.37 -10.22 -22.95
C ALA B 196 22.50 -11.20 -23.73
N MET B 197 22.54 -11.08 -25.06
N MET B 197 22.54 -11.10 -25.07
CA MET B 197 21.82 -12.00 -25.94
CA MET B 197 21.80 -12.01 -25.92
C MET B 197 22.29 -13.43 -25.73
C MET B 197 22.28 -13.44 -25.76
N ASP B 198 23.60 -13.63 -25.74
CA ASP B 198 24.19 -14.96 -25.64
C ASP B 198 23.91 -15.61 -24.30
N LEU B 199 23.85 -14.81 -23.25
CA LEU B 199 23.58 -15.34 -21.94
C LEU B 199 22.09 -15.66 -21.78
N GLY B 200 21.28 -15.15 -22.70
CA GLY B 200 19.85 -15.34 -22.63
C GLY B 200 19.17 -14.55 -21.53
N VAL B 201 19.67 -13.33 -21.30
CA VAL B 201 19.01 -12.39 -20.39
C VAL B 201 17.73 -11.86 -21.02
N LYS B 202 16.59 -12.36 -20.55
CA LYS B 202 15.30 -11.92 -21.06
C LYS B 202 14.98 -10.50 -20.59
N GLY B 203 15.37 -10.17 -19.38
CA GLY B 203 15.05 -8.88 -18.81
C GLY B 203 15.81 -8.58 -17.54
N ILE B 204 15.61 -7.36 -17.07
CA ILE B 204 16.31 -6.81 -15.93
C ILE B 204 15.35 -5.95 -15.13
N HIS B 205 15.28 -6.17 -13.81
CA HIS B 205 14.66 -5.22 -12.91
C HIS B 205 15.75 -4.43 -12.22
N ILE B 206 15.52 -3.14 -12.05
CA ILE B 206 16.27 -2.39 -11.08
C ILE B 206 15.48 -2.65 -9.81
N ALA B 207 16.04 -3.57 -9.03
CA ALA B 207 15.33 -4.20 -7.92
C ALA B 207 15.86 -3.62 -6.62
N GLU B 208 15.04 -2.77 -6.02
CA GLU B 208 15.43 -1.97 -4.87
C GLU B 208 14.46 -2.16 -3.72
N ARG B 209 15.05 -2.30 -2.53
CA ARG B 209 14.33 -2.29 -1.28
C ARG B 209 15.04 -1.39 -0.30
N ASP B 210 14.36 -0.30 0.07
CA ASP B 210 14.86 0.65 1.04
C ASP B 210 14.20 0.27 2.37
N THR B 211 15.02 -0.10 3.36
CA THR B 211 14.49 -0.49 4.65
C THR B 211 14.80 0.53 5.72
N GLN B 212 15.19 1.74 5.32
CA GLN B 212 15.45 2.77 6.30
C GLN B 212 14.17 3.12 7.06
N ARG B 213 14.27 3.09 8.38
CA ARG B 213 13.10 3.33 9.23
C ARG B 213 13.33 4.59 10.04
N ALA B 214 12.25 5.35 10.23
CA ALA B 214 12.31 6.62 10.92
C ALA B 214 12.18 6.45 12.45
N SER B 215 12.69 7.43 13.20
CA SER B 215 12.61 7.41 14.65
C SER B 215 11.28 7.96 15.14
N PHE B 216 10.50 8.51 14.21
CA PHE B 216 9.17 9.03 14.52
C PHE B 216 8.14 8.30 13.64
N PRO B 217 6.91 8.14 14.15
CA PRO B 217 5.86 7.48 13.36
C PRO B 217 5.41 8.38 12.21
N LYS B 218 4.89 7.79 11.14
CA LYS B 218 4.53 8.57 9.96
C LYS B 218 3.44 9.59 10.30
N PRO B 219 3.71 10.86 10.03
CA PRO B 219 2.68 11.87 10.31
C PRO B 219 1.60 11.88 9.24
N PHE B 220 0.37 12.06 9.68
CA PHE B 220 -0.75 12.22 8.76
C PHE B 220 -0.53 13.41 7.83
N ASP B 221 -0.84 13.23 6.56
CA ASP B 221 -0.82 14.32 5.59
C ASP B 221 0.59 14.91 5.44
N VAL B 222 1.58 14.03 5.55
CA VAL B 222 2.96 14.39 5.25
C VAL B 222 3.55 13.27 4.40
N PHE B 223 4.12 13.63 3.26
CA PHE B 223 4.81 12.65 2.42
C PHE B 223 6.22 12.57 2.95
N VAL B 224 6.68 11.36 3.24
CA VAL B 224 8.00 11.11 3.80
C VAL B 224 8.77 10.25 2.82
N ASN B 225 10.01 10.62 2.56
CA ASN B 225 10.85 9.83 1.67
C ASN B 225 12.31 9.96 2.11
N THR B 226 13.20 9.22 1.48
CA THR B 226 14.62 9.26 1.83
C THR B 226 15.42 10.09 0.81
N TRP B 227 14.74 10.58 -0.20
CA TRP B 227 15.31 11.50 -1.17
C TRP B 227 14.14 12.35 -1.68
N SER B 228 14.42 13.24 -2.64
CA SER B 228 13.46 14.22 -3.11
C SER B 228 12.01 13.72 -3.08
N VAL B 229 11.18 14.36 -2.29
CA VAL B 229 9.74 14.12 -2.35
C VAL B 229 9.19 14.72 -3.62
N GLU B 230 9.58 15.95 -3.95
CA GLU B 230 9.05 16.59 -5.16
C GLU B 230 9.42 15.74 -6.36
N GLY B 231 10.67 15.29 -6.42
CA GLY B 231 11.12 14.49 -7.54
C GLY B 231 10.43 13.14 -7.62
N PHE B 232 10.33 12.45 -6.50
CA PHE B 232 9.69 11.16 -6.48
C PHE B 232 8.21 11.26 -6.85
N VAL B 233 7.50 12.23 -6.29
CA VAL B 233 6.10 12.40 -6.61
C VAL B 233 5.94 12.68 -8.12
N SER B 234 6.77 13.58 -8.65
N SER B 234 6.74 13.61 -8.65
CA SER B 234 6.70 13.92 -10.07
CA SER B 234 6.67 13.94 -10.07
C SER B 234 6.91 12.71 -10.98
C SER B 234 6.87 12.68 -10.92
N GLU B 235 7.91 11.89 -10.67
N GLU B 235 7.92 11.93 -10.64
CA GLU B 235 8.17 10.70 -11.46
CA GLU B 235 8.19 10.71 -11.39
C GLU B 235 7.11 9.63 -11.19
C GLU B 235 7.08 9.68 -11.20
N GLY B 236 6.56 9.62 -9.98
CA GLY B 236 5.53 8.67 -9.63
C GLY B 236 4.22 8.90 -10.35
N LEU B 237 4.00 10.13 -10.80
CA LEU B 237 2.79 10.48 -11.52
C LEU B 237 2.97 10.45 -13.02
N GLN B 238 4.21 10.38 -13.49
CA GLN B 238 4.50 10.06 -14.89
C GLN B 238 3.99 8.64 -15.20
N PRO B 239 3.77 8.36 -16.48
CA PRO B 239 3.36 7.01 -16.85
C PRO B 239 4.34 5.96 -16.35
N ALA B 240 3.81 4.82 -15.95
CA ALA B 240 4.65 3.64 -15.74
C ALA B 240 5.37 3.42 -17.04
N GLU B 241 6.64 3.06 -16.98
CA GLU B 241 7.45 2.99 -18.17
C GLU B 241 8.51 1.93 -18.08
N LEU B 242 8.79 1.29 -19.19
CA LEU B 242 9.75 0.18 -19.21
C LEU B 242 10.37 0.04 -20.57
N GLY B 243 11.64 -0.36 -20.56
CA GLY B 243 12.30 -0.91 -21.73
C GLY B 243 11.62 -2.22 -22.06
N TRP B 244 11.36 -2.49 -23.34
CA TRP B 244 10.47 -3.58 -23.69
C TRP B 244 11.22 -4.67 -24.43
N GLY B 245 11.31 -5.84 -23.80
CA GLY B 245 12.11 -6.90 -24.36
C GLY B 245 11.48 -7.63 -25.53
N THR B 246 12.34 -8.13 -26.40
CA THR B 246 11.92 -8.91 -27.55
C THR B 246 11.25 -10.24 -27.15
N PHE B 247 11.53 -10.72 -25.94
CA PHE B 247 10.91 -11.96 -25.48
C PHE B 247 9.45 -11.80 -25.05
N GLU B 248 9.01 -10.58 -24.78
CA GLU B 248 7.66 -10.34 -24.26
C GLU B 248 6.63 -10.74 -25.30
N ARG B 249 5.57 -11.40 -24.85
CA ARG B 249 4.53 -11.91 -25.75
C ARG B 249 3.20 -11.22 -25.52
N TRP B 250 3.14 -10.35 -24.53
CA TRP B 250 1.90 -9.71 -24.12
C TRP B 250 2.17 -8.34 -23.55
N MET B 251 1.30 -7.38 -23.86
CA MET B 251 1.29 -6.11 -23.15
C MET B 251 -0.14 -5.74 -22.78
N PRO B 252 -0.31 -4.97 -21.71
CA PRO B 252 -1.69 -4.63 -21.34
C PRO B 252 -2.34 -3.73 -22.36
N ASP B 253 -3.67 -3.65 -22.29
CA ASP B 253 -4.45 -2.84 -23.21
C ASP B 253 -4.05 -1.39 -23.17
N ASN B 254 -3.58 -0.92 -22.02
CA ASN B 254 -3.28 0.49 -21.86
C ASN B 254 -1.80 0.78 -22.07
N ALA B 255 -1.10 -0.17 -22.67
CA ALA B 255 0.29 0.04 -23.05
C ALA B 255 0.37 0.77 -24.39
N ARG B 256 1.35 1.64 -24.52
CA ARG B 256 1.59 2.35 -25.77
C ARG B 256 3.07 2.42 -26.05
N GLY B 257 3.40 2.55 -27.34
CA GLY B 257 4.77 2.68 -27.77
C GLY B 257 5.02 4.07 -28.30
N HIS B 258 6.09 4.19 -29.07
CA HIS B 258 6.52 5.48 -29.61
C HIS B 258 6.68 5.40 -31.11
N ASP B 259 6.33 6.50 -31.77
CA ASP B 259 6.34 6.57 -33.23
C ASP B 259 7.75 6.71 -33.79
N SER B 260 8.68 7.12 -32.94
CA SER B 260 10.03 7.40 -33.38
C SER B 260 10.98 7.21 -32.21
N GLY B 261 12.27 7.47 -32.46
CA GLY B 261 13.28 7.33 -31.44
C GLY B 261 13.91 5.95 -31.48
N CYS B 262 14.57 5.57 -30.39
CA CYS B 262 15.39 4.37 -30.38
C CYS B 262 14.58 3.06 -30.45
N GLY B 263 13.29 3.13 -30.10
CA GLY B 263 12.40 1.98 -30.21
C GLY B 263 12.29 1.06 -29.01
N ALA B 264 12.98 1.40 -27.94
CA ALA B 264 13.24 0.45 -26.87
C ALA B 264 12.17 0.45 -25.78
N GLY B 265 11.19 1.35 -25.88
CA GLY B 265 10.30 1.60 -24.75
C GLY B 265 8.82 1.47 -25.00
N ILE B 266 8.10 1.15 -23.93
CA ILE B 266 6.66 1.34 -23.89
C ILE B 266 6.34 2.07 -22.60
N TYR B 267 5.12 2.61 -22.54
CA TYR B 267 4.63 3.16 -21.30
C TYR B 267 3.19 2.72 -21.12
N LEU B 268 2.71 2.80 -19.89
CA LEU B 268 1.32 2.43 -19.59
C LEU B 268 0.56 3.69 -19.22
N LEU B 269 -0.72 3.75 -19.60
CA LEU B 269 -1.54 4.92 -19.28
C LEU B 269 -2.07 4.89 -17.83
N GLN B 270 -1.11 4.87 -16.91
CA GLN B 270 -1.40 4.90 -15.48
C GLN B 270 -0.14 5.36 -14.76
N PRO B 271 -0.29 5.95 -13.57
CA PRO B 271 0.91 6.44 -12.88
C PRO B 271 1.81 5.31 -12.37
N GLY B 272 3.11 5.51 -12.53
CA GLY B 272 4.06 4.47 -12.16
C GLY B 272 4.08 4.16 -10.69
N ALA B 273 3.91 5.17 -9.84
CA ALA B 273 3.98 4.92 -8.40
C ALA B 273 2.69 4.31 -7.86
N ASN B 274 1.71 4.11 -8.73
CA ASN B 274 0.52 3.33 -8.36
C ASN B 274 0.40 2.09 -9.24
N THR B 275 1.53 1.64 -9.76
CA THR B 275 1.61 0.43 -10.54
C THR B 275 2.55 -0.53 -9.83
N ARG B 276 2.09 -1.73 -9.52
CA ARG B 276 2.93 -2.70 -8.82
C ARG B 276 3.41 -3.79 -9.73
N VAL B 277 4.61 -4.28 -9.44
CA VAL B 277 5.22 -5.37 -10.15
C VAL B 277 5.76 -6.35 -9.13
N ARG B 278 5.74 -7.63 -9.49
CA ARG B 278 6.33 -8.67 -8.65
C ARG B 278 7.82 -8.74 -8.91
N SER B 279 8.59 -8.67 -7.84
CA SER B 279 10.03 -8.63 -7.98
C SER B 279 10.67 -9.24 -6.74
N TRP B 280 11.98 -9.05 -6.61
CA TRP B 280 12.76 -9.80 -5.64
C TRP B 280 14.05 -9.07 -5.33
N THR B 281 14.43 -9.01 -4.06
CA THR B 281 15.79 -8.60 -3.71
C THR B 281 16.28 -9.53 -2.62
N PRO B 282 17.58 -9.55 -2.35
CA PRO B 282 18.05 -10.53 -1.36
C PRO B 282 17.47 -10.34 0.04
N THR B 283 17.28 -9.11 0.49
CA THR B 283 16.79 -8.85 1.83
C THR B 283 15.28 -8.92 1.87
N ALA B 284 14.64 -8.48 0.80
CA ALA B 284 13.17 -8.46 0.77
C ALA B 284 12.62 -9.84 0.47
N MET B 285 13.40 -10.61 -0.28
N MET B 285 13.42 -10.64 -0.23
CA MET B 285 12.90 -11.82 -0.93
CA MET B 285 12.92 -11.81 -0.96
C MET B 285 11.81 -11.35 -1.88
C MET B 285 11.80 -11.33 -1.88
N ALA B 286 10.77 -12.15 -2.08
CA ALA B 286 9.67 -11.72 -2.95
C ALA B 286 8.98 -10.48 -2.41
N GLN B 287 8.79 -9.48 -3.28
CA GLN B 287 8.15 -8.24 -2.87
C GLN B 287 7.44 -7.59 -4.04
N TYR B 288 6.57 -6.64 -3.74
CA TYR B 288 6.07 -5.72 -4.74
C TYR B 288 7.09 -4.60 -4.90
N GLY B 289 7.34 -4.22 -6.14
CA GLY B 289 7.98 -2.96 -6.43
C GLY B 289 6.98 -2.07 -7.14
N PHE B 290 7.22 -0.77 -7.15
CA PHE B 290 6.45 0.15 -7.97
C PHE B 290 7.17 0.35 -9.31
N LEU B 291 6.40 0.37 -10.39
CA LEU B 291 6.93 0.51 -11.73
C LEU B 291 7.10 1.98 -12.10
N VAL B 292 7.96 2.64 -11.35
CA VAL B 292 8.20 4.07 -11.53
C VAL B 292 9.14 4.25 -12.70
N THR B 293 8.84 5.21 -13.55
CA THR B 293 9.70 5.45 -14.71
C THR B 293 11.11 5.83 -14.28
N SER B 294 12.08 5.52 -15.13
CA SER B 294 13.45 5.83 -14.86
C SER B 294 14.20 5.85 -16.17
N ASN B 295 15.18 6.74 -16.32
CA ASN B 295 15.91 6.85 -17.58
C ASN B 295 16.57 5.54 -17.99
N GLU B 296 17.10 4.81 -17.02
CA GLU B 296 17.84 3.60 -17.36
C GLU B 296 16.96 2.45 -17.84
N SER B 297 15.68 2.50 -17.48
CA SER B 297 14.74 1.51 -18.02
C SER B 297 14.84 1.53 -19.53
N ILE B 298 14.92 2.72 -20.09
CA ILE B 298 15.09 2.83 -21.53
C ILE B 298 16.54 2.70 -21.93
N SER B 299 17.44 3.42 -21.26
CA SER B 299 18.85 3.44 -21.73
C SER B 299 19.51 2.06 -21.72
N ILE B 300 19.22 1.26 -20.70
CA ILE B 300 19.84 -0.06 -20.62
C ILE B 300 19.28 -1.00 -21.68
N ALA B 301 17.96 -0.95 -21.90
CA ALA B 301 17.35 -1.77 -22.94
C ALA B 301 17.93 -1.41 -24.30
N ASP B 302 18.09 -0.11 -24.54
CA ASP B 302 18.64 0.39 -25.79
C ASP B 302 20.09 -0.06 -25.95
N PHE B 303 20.88 0.15 -24.90
CA PHE B 303 22.29 -0.24 -24.93
C PHE B 303 22.46 -1.70 -25.25
N LEU B 304 21.59 -2.53 -24.69
CA LEU B 304 21.74 -3.98 -24.87
C LEU B 304 20.94 -4.52 -26.05
N THR B 305 20.59 -3.65 -26.98
CA THR B 305 19.86 -4.05 -28.17
C THR B 305 20.81 -4.57 -29.25
N VAL B 306 20.50 -5.76 -29.76
CA VAL B 306 21.17 -6.30 -30.93
C VAL B 306 20.27 -6.11 -32.14
N ARG B 307 20.84 -5.60 -33.23
CA ARG B 307 20.09 -5.38 -34.45
C ARG B 307 20.69 -6.23 -35.54
N ASP B 308 19.87 -6.67 -36.48
CA ASP B 308 20.39 -7.31 -37.68
C ASP B 308 20.88 -6.24 -38.67
N ALA B 309 21.15 -6.66 -39.90
CA ALA B 309 21.70 -5.76 -40.90
C ALA B 309 20.70 -4.68 -41.31
N ALA B 310 19.43 -5.05 -41.38
CA ALA B 310 18.37 -4.11 -41.73
C ALA B 310 18.19 -3.04 -40.66
N GLY B 311 18.74 -3.28 -39.48
CA GLY B 311 18.60 -2.36 -38.36
C GLY B 311 17.39 -2.68 -37.51
N GLN B 312 16.79 -3.85 -37.72
CA GLN B 312 15.68 -4.31 -36.91
C GLN B 312 16.22 -4.91 -35.61
N ALA B 313 15.60 -4.59 -34.48
CA ALA B 313 15.98 -5.21 -33.21
C ALA B 313 15.63 -6.69 -33.24
N VAL B 314 16.62 -7.54 -32.99
CA VAL B 314 16.36 -8.98 -32.89
C VAL B 314 16.47 -9.45 -31.45
N TYR B 315 17.20 -8.72 -30.62
CA TYR B 315 17.26 -8.96 -29.18
C TYR B 315 17.26 -7.63 -28.45
N ARG B 316 16.54 -7.60 -27.34
CA ARG B 316 16.55 -6.48 -26.44
C ARG B 316 15.94 -7.00 -25.15
N PRO B 317 16.55 -6.68 -24.00
CA PRO B 317 15.96 -7.09 -22.72
C PRO B 317 14.85 -6.16 -22.27
N THR B 318 13.85 -6.70 -21.58
CA THR B 318 12.97 -5.86 -20.79
C THR B 318 13.79 -5.21 -19.69
N CYS B 319 13.45 -3.99 -19.33
CA CYS B 319 14.15 -3.31 -18.26
C CYS B 319 13.26 -2.27 -17.60
N HIS B 320 13.07 -2.43 -16.31
CA HIS B 320 12.33 -1.44 -15.58
C HIS B 320 12.63 -1.44 -14.10
N TYR B 321 12.19 -0.37 -13.46
CA TYR B 321 12.29 -0.21 -12.02
C TYR B 321 11.27 -1.11 -11.33
N ALA B 322 11.70 -1.67 -10.22
CA ALA B 322 10.80 -2.40 -9.33
C ALA B 322 11.17 -1.93 -7.94
N TYR B 323 10.63 -0.77 -7.61
CA TYR B 323 11.02 -0.01 -6.43
C TYR B 323 10.14 -0.24 -5.24
N HIS B 324 10.73 -0.76 -4.17
CA HIS B 324 10.08 -0.78 -2.88
C HIS B 324 10.80 0.25 -2.02
N PRO B 325 10.18 1.44 -1.88
CA PRO B 325 10.81 2.49 -1.09
C PRO B 325 10.64 2.23 0.39
N CYS B 326 11.07 3.16 1.22
CA CYS B 326 11.03 2.92 2.64
C CYS B 326 9.57 2.82 3.07
N ASN B 327 9.35 2.23 4.24
CA ASN B 327 8.00 2.01 4.71
C ASN B 327 7.19 3.30 4.75
N ASP B 328 7.81 4.39 5.20
CA ASP B 328 7.07 5.65 5.27
C ASP B 328 6.70 6.17 3.87
N ALA B 329 7.51 5.86 2.87
CA ALA B 329 7.20 6.23 1.49
C ALA B 329 6.05 5.35 0.96
N VAL B 330 6.07 4.06 1.28
CA VAL B 330 4.97 3.19 0.89
C VAL B 330 3.66 3.73 1.48
N LEU B 331 3.67 4.11 2.76
CA LEU B 331 2.48 4.69 3.39
C LEU B 331 2.11 6.02 2.73
N SER B 332 3.12 6.82 2.38
CA SER B 332 2.89 8.09 1.73
C SER B 332 2.23 7.98 0.37
N LEU B 333 2.63 6.97 -0.40
CA LEU B 333 1.99 6.69 -1.68
C LEU B 333 0.54 6.27 -1.51
N HIS B 334 0.28 5.38 -0.56
CA HIS B 334 -1.09 4.93 -0.29
C HIS B 334 -1.97 6.11 0.11
N GLU B 335 -1.41 7.00 0.92
CA GLU B 335 -2.08 8.21 1.32
C GLU B 335 -2.34 9.14 0.13
N MET B 336 -1.33 9.35 -0.70
CA MET B 336 -1.44 10.32 -1.77
C MET B 336 -2.43 9.83 -2.83
N PHE B 337 -2.27 8.59 -3.27
CA PHE B 337 -3.16 8.07 -4.32
C PHE B 337 -4.56 7.87 -3.79
N GLY B 338 -4.66 7.51 -2.52
CA GLY B 338 -5.96 7.37 -1.87
C GLY B 338 -6.71 8.68 -1.75
N SER B 339 -5.99 9.80 -1.61
N SER B 339 -5.96 9.76 -1.61
CA SER B 339 -6.63 11.09 -1.43
CA SER B 339 -6.53 11.08 -1.42
C SER B 339 -6.78 11.78 -2.77
C SER B 339 -6.83 11.71 -2.78
N GLY B 340 -6.03 11.34 -3.78
CA GLY B 340 -6.12 11.93 -5.10
C GLY B 340 -5.35 13.23 -5.22
N LYS B 341 -4.53 13.56 -4.23
CA LYS B 341 -3.76 14.78 -4.27
C LYS B 341 -2.55 14.70 -3.34
N ARG B 342 -1.55 15.53 -3.65
CA ARG B 342 -0.35 15.62 -2.83
C ARG B 342 -0.69 16.01 -1.41
N GLN B 343 0.02 15.42 -0.46
CA GLN B 343 -0.07 15.86 0.92
C GLN B 343 0.28 17.33 1.07
N SER B 344 -0.18 17.95 2.15
CA SER B 344 0.05 19.38 2.32
CA SER B 344 0.03 19.38 2.42
C SER B 344 1.49 19.69 2.68
N ASP B 345 2.24 18.69 3.12
CA ASP B 345 3.61 18.89 3.55
C ASP B 345 4.42 17.64 3.23
N TRP B 346 5.74 17.75 3.33
CA TRP B 346 6.61 16.63 3.10
C TRP B 346 7.89 16.79 3.87
N ARG B 347 8.60 15.68 4.01
CA ARG B 347 9.93 15.72 4.60
C ARG B 347 10.78 14.59 4.09
N ILE B 348 12.07 14.88 4.02
CA ILE B 348 13.06 13.90 3.65
C ILE B 348 13.78 13.47 4.92
N LEU B 349 13.86 12.16 5.15
CA LEU B 349 14.48 11.63 6.36
C LEU B 349 15.97 11.97 6.41
N ASP B 350 16.35 12.68 7.46
CA ASP B 350 17.75 12.96 7.75
C ASP B 350 18.37 11.71 8.36
N GLU B 351 19.69 11.58 8.26
CA GLU B 351 20.37 10.43 8.84
C GLU B 351 20.16 10.39 10.35
N THR B 352 19.98 11.55 10.97
CA THR B 352 19.73 11.63 12.41
C THR B 352 18.36 11.08 12.81
N GLU B 353 17.47 10.96 11.83
CA GLU B 353 16.09 10.52 12.05
C GLU B 353 15.88 9.07 11.65
N ILE B 354 16.95 8.42 11.21
CA ILE B 354 16.86 7.04 10.77
C ILE B 354 17.44 6.16 11.86
N VAL B 355 16.64 5.21 12.33
N VAL B 355 16.64 5.19 12.29
CA VAL B 355 17.08 4.35 13.43
CA VAL B 355 16.94 4.32 13.41
C VAL B 355 17.91 3.17 12.92
C VAL B 355 17.78 3.10 12.96
N ASP B 356 17.58 2.70 11.72
CA ASP B 356 18.29 1.57 11.13
C ASP B 356 17.88 1.41 9.68
N GLY B 357 18.49 0.45 9.01
CA GLY B 357 18.09 0.08 7.67
C GLY B 357 19.16 0.27 6.62
N ILE B 358 18.81 -0.17 5.41
CA ILE B 358 19.72 -0.18 4.29
C ILE B 358 18.99 0.31 3.06
N ASP B 359 19.74 0.70 2.04
CA ASP B 359 19.18 0.88 0.71
C ASP B 359 19.74 -0.22 -0.15
N GLU B 360 18.96 -1.27 -0.32
CA GLU B 360 19.37 -2.39 -1.11
C GLU B 360 19.00 -2.14 -2.56
N LEU B 361 20.02 -1.86 -3.38
CA LEU B 361 19.80 -1.38 -4.73
C LEU B 361 20.69 -2.16 -5.69
N GLY B 362 20.06 -2.92 -6.58
CA GLY B 362 20.80 -3.72 -7.52
C GLY B 362 20.01 -3.97 -8.77
N VAL B 363 20.57 -4.83 -9.59
CA VAL B 363 19.98 -5.21 -10.84
C VAL B 363 19.69 -6.70 -10.79
N LEU B 364 18.48 -7.06 -11.20
CA LEU B 364 18.04 -8.44 -11.19
C LEU B 364 17.93 -8.87 -12.62
N LEU B 365 18.88 -9.67 -13.06
CA LEU B 365 18.94 -10.18 -14.42
C LEU B 365 18.28 -11.53 -14.45
N TYR B 366 17.29 -11.68 -15.31
CA TYR B 366 16.53 -12.93 -15.34
C TYR B 366 16.38 -13.55 -16.72
N GLY B 367 16.06 -14.84 -16.73
CA GLY B 367 15.69 -15.54 -17.95
C GLY B 367 16.79 -16.46 -18.46
N HIS B 368 17.97 -16.29 -17.88
CA HIS B 368 19.14 -17.09 -18.23
C HIS B 368 19.12 -18.45 -17.51
N GLY B 369 20.17 -19.23 -17.73
CA GLY B 369 20.21 -20.60 -17.27
C GLY B 369 20.23 -20.79 -15.76
N LYS B 370 20.49 -19.72 -15.02
CA LYS B 370 20.47 -19.80 -13.56
C LYS B 370 19.30 -19.00 -12.99
N ASN B 371 18.31 -18.77 -13.86
CA ASN B 371 17.01 -18.15 -13.52
C ASN B 371 17.09 -16.65 -13.27
N ALA B 372 17.65 -16.24 -12.14
CA ALA B 372 17.71 -14.84 -11.81
C ALA B 372 18.92 -14.60 -10.94
N TYR B 373 19.51 -13.44 -11.13
CA TYR B 373 20.74 -13.06 -10.46
C TYR B 373 20.63 -11.59 -10.10
N TRP B 374 20.80 -11.29 -8.82
CA TRP B 374 20.75 -9.94 -8.31
C TRP B 374 22.15 -9.50 -7.95
N TYR B 375 22.53 -8.33 -8.44
CA TYR B 375 23.85 -7.79 -8.16
C TYR B 375 23.71 -6.33 -7.74
N GLY B 376 24.25 -5.98 -6.58
CA GLY B 376 24.20 -4.62 -6.15
C GLY B 376 24.63 -4.36 -4.73
N SER B 377 24.25 -3.18 -4.25
CA SER B 377 24.73 -2.61 -3.00
C SER B 377 23.73 -2.85 -1.89
N GLN B 378 24.23 -3.14 -0.69
CA GLN B 378 23.40 -3.30 0.49
C GLN B 378 23.79 -2.29 1.57
N LEU B 379 24.11 -1.09 1.13
CA LEU B 379 24.60 -0.04 2.01
C LEU B 379 23.67 0.30 3.18
N SER B 380 24.19 0.20 4.40
CA SER B 380 23.43 0.52 5.60
C SER B 380 23.61 1.96 6.07
N ILE B 381 22.66 2.43 6.84
CA ILE B 381 22.74 3.79 7.35
C ILE B 381 23.93 3.88 8.30
N GLU B 382 24.23 2.80 9.01
CA GLU B 382 25.35 2.81 9.96
C GLU B 382 26.66 2.98 9.21
N GLU B 383 26.82 2.24 8.13
CA GLU B 383 28.04 2.36 7.35
CA GLU B 383 28.03 2.34 7.31
C GLU B 383 28.14 3.75 6.73
N THR B 384 27.02 4.26 6.20
CA THR B 384 26.98 5.62 5.65
C THR B 384 27.52 6.66 6.63
N ARG B 385 27.02 6.65 7.85
CA ARG B 385 27.46 7.60 8.84
C ARG B 385 28.96 7.51 9.09
N ARG B 386 29.53 6.31 9.02
CA ARG B 386 30.95 6.14 9.28
C ARG B 386 31.82 6.73 8.18
N ILE B 387 31.31 6.78 6.96
CA ILE B 387 32.17 7.08 5.82
C ILE B 387 31.83 8.36 5.08
N ALA B 388 30.66 8.95 5.30
CA ALA B 388 30.30 10.19 4.60
C ALA B 388 29.27 10.98 5.38
N PRO B 389 29.42 12.31 5.44
CA PRO B 389 28.54 13.14 6.26
C PRO B 389 27.30 13.63 5.51
N ASP B 390 26.30 14.10 6.25
CA ASP B 390 25.22 14.93 5.70
C ASP B 390 24.28 14.19 4.76
N GLN B 391 24.18 12.88 4.91
CA GLN B 391 23.29 12.11 4.04
C GLN B 391 22.95 10.74 4.60
N ASN B 392 21.86 10.19 4.10
CA ASN B 392 21.47 8.84 4.44
C ASN B 392 21.99 7.87 3.37
N ALA B 393 21.59 6.60 3.49
CA ALA B 393 22.18 5.58 2.62
C ALA B 393 21.72 5.75 1.17
N THR B 394 20.48 6.18 0.99
CA THR B 394 19.98 6.49 -0.33
C THR B 394 20.80 7.59 -0.99
N GLY B 395 21.06 8.64 -0.23
CA GLY B 395 21.81 9.79 -0.70
C GLY B 395 23.23 9.44 -1.09
N LEU B 396 23.87 8.60 -0.28
CA LEU B 396 25.27 8.27 -0.54
C LEU B 396 25.46 7.44 -1.80
N GLN B 397 24.53 6.54 -2.11
CA GLN B 397 24.61 5.79 -3.35
C GLN B 397 24.57 6.75 -4.54
N VAL B 398 23.76 7.80 -4.42
CA VAL B 398 23.65 8.80 -5.48
C VAL B 398 24.86 9.72 -5.54
N SER B 399 25.22 10.30 -4.40
CA SER B 399 26.31 11.27 -4.38
C SER B 399 27.65 10.62 -4.81
N SER B 400 27.88 9.38 -4.39
CA SER B 400 29.09 8.70 -4.78
C SER B 400 29.13 8.37 -6.26
N ALA B 401 27.97 8.17 -6.87
CA ALA B 401 27.90 7.96 -8.30
C ALA B 401 28.22 9.25 -9.03
N VAL B 402 27.73 10.36 -8.53
CA VAL B 402 28.03 11.65 -9.14
C VAL B 402 29.54 11.89 -9.06
N LEU B 403 30.13 11.56 -7.91
CA LEU B 403 31.59 11.65 -7.77
C LEU B 403 32.30 10.82 -8.83
N ALA B 404 31.85 9.58 -9.01
CA ALA B 404 32.46 8.70 -10.01
C ALA B 404 32.34 9.30 -11.41
N GLY B 405 31.16 9.82 -11.73
CA GLY B 405 30.94 10.45 -13.01
C GLY B 405 31.83 11.66 -13.22
N MET B 406 32.07 12.40 -12.16
CA MET B 406 32.91 13.60 -12.25
C MET B 406 34.35 13.21 -12.49
N VAL B 407 34.81 12.20 -11.78
CA VAL B 407 36.17 11.69 -12.00
C VAL B 407 36.29 11.23 -13.43
N TRP B 408 35.32 10.46 -13.90
CA TRP B 408 35.38 10.00 -15.28
C TRP B 408 35.39 11.17 -16.26
N ALA B 409 34.57 12.20 -16.02
CA ALA B 409 34.49 13.32 -16.98
C ALA B 409 35.81 14.10 -17.02
N LEU B 410 36.46 14.23 -15.89
CA LEU B 410 37.75 14.91 -15.87
C LEU B 410 38.79 14.11 -16.65
N GLU B 411 38.69 12.80 -16.59
CA GLU B 411 39.66 11.93 -17.27
C GLU B 411 39.31 11.73 -18.73
N ASN B 412 38.10 12.14 -19.09
CA ASN B 412 37.59 11.95 -20.44
C ASN B 412 36.72 13.16 -20.80
N PRO B 413 37.36 14.32 -20.93
CA PRO B 413 36.63 15.60 -20.95
C PRO B 413 36.11 16.03 -22.34
N ASN B 414 36.41 15.25 -23.37
CA ASN B 414 35.93 15.56 -24.72
C ASN B 414 35.20 14.37 -25.33
N ALA B 415 34.30 13.79 -24.54
CA ALA B 415 33.57 12.60 -24.93
C ALA B 415 32.15 12.93 -25.39
N GLY B 416 31.78 14.21 -25.33
CA GLY B 416 30.45 14.61 -25.76
C GLY B 416 29.40 14.25 -24.73
N ILE B 417 28.14 14.32 -25.14
CA ILE B 417 27.04 13.91 -24.30
C ILE B 417 27.05 12.39 -24.13
N VAL B 418 27.09 11.96 -22.88
CA VAL B 418 27.17 10.53 -22.56
C VAL B 418 26.20 10.15 -21.46
N GLU B 419 25.73 8.91 -21.54
CA GLU B 419 24.98 8.33 -20.44
C GLU B 419 25.85 7.40 -19.62
N ALA B 420 25.32 6.94 -18.49
CA ALA B 420 26.09 6.08 -17.58
C ALA B 420 26.53 4.79 -18.28
N ASP B 421 25.76 4.35 -19.27
CA ASP B 421 26.12 3.16 -20.04
C ASP B 421 27.34 3.38 -20.92
N ASP B 422 27.69 4.64 -21.17
CA ASP B 422 28.82 4.97 -22.04
C ASP B 422 30.13 5.10 -21.28
N LEU B 423 30.03 5.23 -19.96
CA LEU B 423 31.20 5.41 -19.11
C LEU B 423 31.94 4.08 -18.89
N ASP B 424 33.24 4.17 -18.64
CA ASP B 424 34.05 3.01 -18.24
C ASP B 424 33.58 2.50 -16.88
N PHE B 425 32.88 1.37 -16.86
CA PHE B 425 32.23 0.93 -15.64
C PHE B 425 33.21 0.54 -14.53
N ARG B 426 34.36 -0.01 -14.92
CA ARG B 426 35.34 -0.43 -13.91
C ARG B 426 35.94 0.80 -13.21
N ARG B 427 36.28 1.83 -13.97
CA ARG B 427 36.82 3.04 -13.37
C ARG B 427 35.78 3.70 -12.48
N CYS B 428 34.53 3.79 -12.94
CA CYS B 428 33.50 4.41 -12.13
C CYS B 428 33.25 3.63 -10.84
N LEU B 429 33.18 2.31 -10.93
CA LEU B 429 33.01 1.50 -9.74
C LEU B 429 34.23 1.55 -8.82
N GLU B 430 35.42 1.73 -9.38
CA GLU B 430 36.62 1.84 -8.56
C GLU B 430 36.50 3.07 -7.66
N VAL B 431 35.93 4.14 -8.20
CA VAL B 431 35.76 5.36 -7.44
C VAL B 431 34.60 5.22 -6.45
N GLN B 432 33.53 4.55 -6.88
CA GLN B 432 32.31 4.56 -6.10
C GLN B 432 32.29 3.53 -5.00
N THR B 433 32.95 2.40 -5.23
CA THR B 433 32.78 1.23 -4.37
C THR B 433 33.06 1.49 -2.89
N PRO B 434 34.02 2.36 -2.55
CA PRO B 434 34.24 2.63 -1.13
C PRO B 434 33.02 3.15 -0.40
N TYR B 435 32.01 3.61 -1.14
CA TYR B 435 30.82 4.19 -0.55
C TYR B 435 29.57 3.32 -0.68
N LEU B 436 29.75 2.07 -1.08
CA LEU B 436 28.60 1.23 -1.45
C LEU B 436 28.34 0.13 -0.45
N GLY B 437 29.18 0.00 0.57
CA GLY B 437 28.95 -1.06 1.53
C GLY B 437 29.08 -2.41 0.85
N PRO B 438 28.38 -3.44 1.38
CA PRO B 438 28.49 -4.73 0.71
C PRO B 438 27.94 -4.69 -0.71
N VAL B 439 28.73 -5.12 -1.68
CA VAL B 439 28.30 -5.26 -3.05
C VAL B 439 28.39 -6.74 -3.38
N VAL B 440 27.23 -7.35 -3.61
CA VAL B 440 27.12 -8.80 -3.71
C VAL B 440 26.29 -9.22 -4.91
N GLY B 441 26.59 -10.43 -5.40
CA GLY B 441 25.75 -11.12 -6.34
C GLY B 441 25.08 -12.33 -5.68
N VAL B 442 23.79 -12.49 -5.92
CA VAL B 442 23.01 -13.56 -5.32
C VAL B 442 22.09 -14.17 -6.38
N TYR B 443 22.11 -15.49 -6.51
CA TYR B 443 21.15 -16.14 -7.39
C TYR B 443 19.91 -16.49 -6.60
N THR B 444 18.78 -16.55 -7.30
CA THR B 444 17.56 -17.05 -6.68
C THR B 444 16.79 -17.92 -7.66
N ASP B 445 16.04 -18.86 -7.09
N ASP B 445 16.04 -18.85 -7.09
CA ASP B 445 15.12 -19.69 -7.87
CA ASP B 445 15.13 -19.69 -7.88
C ASP B 445 13.73 -19.08 -7.96
C ASP B 445 13.71 -19.12 -7.90
N TRP B 446 13.51 -17.96 -7.27
CA TRP B 446 12.22 -17.29 -7.31
C TRP B 446 11.85 -16.87 -8.73
N THR B 447 10.57 -16.98 -9.09
CA THR B 447 10.06 -16.42 -10.32
C THR B 447 8.73 -15.79 -10.02
N PRO B 448 8.24 -14.94 -10.94
CA PRO B 448 6.95 -14.27 -10.73
C PRO B 448 5.77 -15.23 -10.68
N LEU B 449 5.98 -16.50 -11.05
CA LEU B 449 4.91 -17.49 -10.95
C LEU B 449 4.94 -18.29 -9.66
N ALA B 450 5.90 -17.99 -8.78
CA ALA B 450 5.94 -18.66 -7.48
C ALA B 450 4.57 -18.57 -6.79
N GLY B 451 4.02 -19.72 -6.40
CA GLY B 451 2.76 -19.78 -5.69
C GLY B 451 1.53 -19.57 -6.57
N ARG B 452 1.71 -19.51 -7.87
CA ARG B 452 0.61 -19.18 -8.76
C ARG B 452 0.43 -20.27 -9.81
N PRO B 453 -0.81 -20.53 -10.22
CA PRO B 453 -2.03 -19.87 -9.76
C PRO B 453 -2.40 -20.26 -8.33
N GLY B 454 -3.07 -19.33 -7.64
CA GLY B 454 -3.45 -19.50 -6.26
C GLY B 454 -4.94 -19.68 -6.09
N LEU B 455 -5.52 -18.94 -5.16
CA LEU B 455 -6.92 -19.11 -4.76
C LEU B 455 -7.86 -18.72 -5.89
N PHE B 456 -7.43 -17.78 -6.73
CA PHE B 456 -8.30 -17.21 -7.76
C PHE B 456 -7.68 -17.34 -9.14
N PRO B 457 -8.53 -17.44 -10.16
CA PRO B 457 -7.96 -17.49 -11.51
C PRO B 457 -7.19 -16.22 -11.84
N GLU B 458 -6.09 -16.38 -12.55
CA GLU B 458 -5.26 -15.26 -12.95
C GLU B 458 -4.88 -15.41 -14.40
N ASP B 459 -4.70 -14.28 -15.07
CA ASP B 459 -4.35 -14.28 -16.47
C ASP B 459 -2.84 -14.36 -16.62
N ILE B 460 -2.29 -15.52 -16.32
CA ILE B 460 -0.84 -15.72 -16.37
C ILE B 460 -0.42 -16.47 -17.64
N ASP B 461 0.87 -16.38 -17.94
CA ASP B 461 1.53 -17.14 -19.00
C ASP B 461 2.37 -18.21 -18.33
N THR B 462 1.87 -19.43 -18.27
CA THR B 462 2.61 -20.49 -17.60
C THR B 462 3.82 -21.00 -18.38
N SER B 463 3.97 -20.61 -19.64
CA SER B 463 5.06 -21.10 -20.48
C SER B 463 6.39 -20.46 -20.11
N ASP B 464 6.33 -19.24 -19.59
CA ASP B 464 7.55 -18.46 -19.36
C ASP B 464 7.30 -17.56 -18.16
N PRO B 465 7.85 -17.94 -16.99
CA PRO B 465 7.57 -17.26 -15.74
C PRO B 465 7.87 -15.77 -15.76
N TRP B 466 8.86 -15.36 -16.54
CA TRP B 466 9.33 -13.98 -16.44
C TRP B 466 8.62 -12.99 -17.34
N GLN B 467 7.65 -13.46 -18.12
CA GLN B 467 6.83 -12.57 -18.94
C GLN B 467 6.25 -11.44 -18.11
N PHE B 468 6.23 -10.24 -18.69
CA PHE B 468 5.64 -9.08 -18.03
C PHE B 468 4.18 -9.38 -17.63
N ARG B 469 3.51 -10.22 -18.42
CA ARG B 469 2.16 -10.65 -18.11
C ARG B 469 2.05 -11.23 -16.70
N ASN B 470 3.12 -11.88 -16.27
CA ASN B 470 3.17 -12.46 -14.92
C ASN B 470 3.69 -11.51 -13.87
N VAL B 471 4.50 -10.55 -14.30
CA VAL B 471 5.12 -9.62 -13.36
C VAL B 471 4.17 -8.52 -12.92
N LEU B 472 3.43 -7.99 -13.87
CA LEU B 472 2.57 -6.87 -13.61
C LEU B 472 1.43 -7.28 -12.72
N VAL B 473 1.18 -6.48 -11.70
CA VAL B 473 0.08 -6.71 -10.78
C VAL B 473 -1.17 -6.03 -11.32
N ARG B 474 -2.19 -6.83 -11.59
CA ARG B 474 -3.43 -6.35 -12.18
C ARG B 474 -4.59 -6.46 -11.20
PA NAD C . -7.58 -13.36 18.03
O1A NAD C . -6.86 -13.96 16.86
O2A NAD C . -6.96 -12.33 18.91
O5B NAD C . -8.07 -14.50 19.03
C5B NAD C . -8.70 -15.69 18.56
C4B NAD C . -8.61 -16.68 19.70
O4B NAD C . -9.28 -17.88 19.31
C3B NAD C . -7.17 -17.06 20.07
O3B NAD C . -6.87 -16.74 21.43
C2B NAD C . -7.07 -18.53 19.76
O2B NAD C . -6.23 -19.29 20.62
C1B NAD C . -8.54 -18.95 19.87
N9A NAD C . -8.83 -20.19 19.19
C8A NAD C . -8.23 -20.70 18.11
N7A NAD C . -8.75 -21.89 17.78
C5A NAD C . -9.70 -22.12 18.70
C6A NAD C . -10.65 -23.19 18.96
N6A NAD C . -10.65 -24.23 18.12
N1A NAD C . -11.47 -23.09 20.02
C2A NAD C . -11.45 -22.04 20.85
N3A NAD C . -10.62 -20.99 20.66
C4A NAD C . -9.75 -21.02 19.64
O3 NAD C . -8.98 -12.79 17.44
PN NAD C . -9.89 -11.63 18.03
O1N NAD C . -9.31 -10.29 17.66
O2N NAD C . -10.17 -11.85 19.47
O5D NAD C . -11.20 -11.90 17.17
C5D NAD C . -12.04 -12.98 17.63
C4D NAD C . -13.07 -13.29 16.55
O4D NAD C . -13.89 -12.15 16.39
C3D NAD C . -12.44 -13.58 15.22
O3D NAD C . -13.21 -14.61 14.60
C2D NAD C . -12.62 -12.29 14.46
O2D NAD C . -12.81 -12.46 13.07
C1D NAD C . -13.91 -11.74 15.04
N1N NAD C . -14.02 -10.29 15.02
C2N NAD C . -15.18 -9.70 14.66
C3N NAD C . -15.26 -8.32 14.65
C7N NAD C . -16.50 -7.53 14.31
O7N NAD C . -16.51 -6.31 14.47
N7N NAD C . -17.64 -8.15 13.94
C4N NAD C . -14.16 -7.58 15.05
C5N NAD C . -13.00 -8.21 15.45
C6N NAD C . -12.97 -9.57 15.45
H51A NAD C . -9.75 -15.49 18.30
H52A NAD C . -8.18 -16.07 17.68
H4B NAD C . -9.11 -16.26 20.59
H3B NAD C . -6.49 -16.51 19.41
HO3A NAD C . -5.98 -17.04 21.64
H2B NAD C . -6.76 -18.66 18.71
HO2A NAD C . -5.32 -19.02 20.50
H1B NAD C . -8.78 -19.04 20.94
H8A NAD C . -7.44 -20.20 17.56
H61A NAD C . -11.29 -24.99 18.28
H62A NAD C . -10.00 -24.26 17.35
H2A NAD C . -12.14 -22.00 21.68
H51N NAD C . -12.54 -12.68 18.54
H52N NAD C . -11.43 -13.86 17.83
H4D NAD C . -13.67 -14.15 16.88
H3D NAD C . -11.38 -13.85 15.32
HO3N NAD C . -12.87 -14.80 13.73
H2D NAD C . -11.78 -11.61 14.67
HO2N NAD C . -12.02 -12.86 12.69
H1D NAD C . -14.76 -12.19 14.52
H2N NAD C . -16.03 -10.30 14.36
H71N NAD C . -17.65 -9.15 13.83
H72N NAD C . -18.46 -7.61 13.74
H4N NAD C . -14.21 -6.50 15.08
H5N NAD C . -12.13 -7.64 15.76
H6N NAD C . -12.05 -10.09 15.71
N AG2 D . -13.37 -3.01 13.05
CA AG2 D . -12.48 -4.05 12.65
CB AG2 D . -13.18 -5.41 12.64
CG AG2 D . -13.26 -5.94 11.23
CD AG2 D . -13.68 -7.40 11.19
NE AG2 D . -13.50 -7.89 9.86
CZ AG2 D . -14.44 -7.61 8.83
NH1 AG2 D . -14.24 -8.11 7.52
NH2 AG2 D . -15.48 -6.85 9.04
HN1 AG2 D . -13.44 -2.39 12.36
HN2 AG2 D . -13.04 -2.59 13.80
HA1 AG2 D . -12.15 -3.86 11.75
HA2 AG2 D . -11.72 -4.09 13.26
HB1 AG2 D . -14.08 -5.31 13.00
HB2 AG2 D . -12.67 -6.03 13.19
HG1 AG2 D . -12.37 -5.86 10.81
HG2 AG2 D . -13.89 -5.41 10.71
HD1 AG2 D . -13.15 -7.92 11.81
HD2 AG2 D . -14.62 -7.45 11.43
HE1 AG2 D . -12.78 -8.43 9.67
HH11 AG2 D . -13.51 -8.63 7.34
HH21 AG2 D . -15.63 -6.51 9.87
HH22 AG2 D . -14.83 -7.91 6.86
N2 PUT E . -13.50 -2.47 13.07
C4 PUT E . -12.52 -3.46 12.75
C3 PUT E . -13.12 -4.85 12.84
C2 PUT E . -13.50 -5.34 11.46
C1 PUT E . -14.06 -6.73 11.54
N1 PUT E . -14.38 -7.22 10.24
HN21 PUT E . -13.22 -1.98 13.79
HN22 PUT E . -14.29 -2.88 13.26
H41 PUT E . -11.75 -3.38 13.36
H42 PUT E . -12.21 -3.31 11.84
H31 PUT E . -13.92 -4.82 13.42
H32 PUT E . -12.46 -5.46 13.23
H21 PUT E . -12.70 -5.34 10.89
H22 PUT E . -14.17 -4.74 11.07
H11 PUT E . -14.87 -6.72 12.09
H12 PUT E . -13.40 -7.32 11.96
HN11 PUT E . -13.89 -7.98 10.07
HN12 PUT E . -15.27 -7.41 10.19
N1 1PS F . 0.33 -16.53 18.76
C1 1PS F . 0.57 -15.26 19.14
C2 1PS F . 1.38 -14.43 18.36
C3 1PS F . 0.86 -17.03 17.62
C4 1PS F . 1.68 -16.25 16.82
C5 1PS F . 1.94 -14.94 17.19
C6 1PS F . -0.54 -17.38 19.58
C7 1PS F . 0.19 -17.99 20.77
C8 1PS F . -0.28 -19.42 21.00
S1 1PS F . 0.55 -20.12 22.27
O1 1PS F . -0.12 -21.39 22.71
O2 1PS F . 1.93 -20.44 21.82
O3 1PS F . 0.58 -19.15 23.40
H1 1PS F . 0.13 -14.87 20.06
H2 1PS F . 1.58 -13.42 18.67
H3 1PS F . 0.64 -18.06 17.34
H4 1PS F . 2.10 -16.65 15.91
H5 1PS F . 2.58 -14.32 16.58
H61 1PS F . -1.39 -16.79 19.94
H62 1PS F . -0.94 -18.19 18.96
H71 1PS F . 1.27 -17.97 20.59
H72 1PS F . -0.01 -17.39 21.66
H81 1PS F . -1.35 -19.43 21.20
H82 1PS F . -0.10 -20.01 20.09
N1 1PS G . -1.62 -16.39 -0.21
N1 1PS G . -1.55 -16.55 0.00
C1 1PS G . -1.89 -15.49 -1.16
C1 1PS G . -1.33 -15.85 -1.13
C2 1PS G . -1.63 -14.14 -0.95
C2 1PS G . -1.00 -14.50 -1.07
C3 1PS G . -1.09 -16.02 0.97
C3 1PS G . -1.49 -15.95 1.20
C4 1PS G . -0.80 -14.67 1.22
C4 1PS G . -1.16 -14.60 1.30
C5 1PS G . -1.08 -13.73 0.25
C5 1PS G . -0.92 -13.86 0.15
C6 1PS G . -1.91 -17.81 -0.45
C6 1PS G . -1.90 -17.98 -0.13
C7 1PS G . -3.03 -18.29 0.48
C7 1PS G . -1.36 -18.86 0.99
C8 1PS G . -3.12 -19.80 0.51
C8 1PS G . 0.13 -18.71 1.29
S1 1PS G . -4.20 -20.24 1.69
S1 1PS G . 0.38 -18.79 2.94
O1 1PS G . -4.86 -21.51 1.30
O1 1PS G . -0.21 -20.05 3.42
O2 1PS G . -5.22 -19.19 1.86
O2 1PS G . -0.31 -17.69 3.60
O3 1PS G . -3.48 -20.41 2.97
O3 1PS G . 1.81 -18.74 3.29
H1 1PS G . -2.32 -15.81 -2.10
H1 1PS G . -1.39 -16.34 -2.09
H2 1PS G . -1.85 -13.41 -1.73
H2 1PS G . -0.81 -13.95 -1.99
H3 1PS G . -0.87 -16.76 1.72
H3 1PS G . -1.67 -16.51 2.09
H4 1PS G . -0.38 -14.38 2.17
H4 1PS G . -1.11 -14.12 2.27
H5 1PS G . -0.87 -12.68 0.43
H5 1PS G . -0.66 -12.81 0.21
H61 1PS G . -2.20 -17.96 -1.50
H61 1PS G . -2.98 -18.07 -0.16
H62 1PS G . -1.01 -18.40 -0.27
H62 1PS G . -1.51 -18.35 -1.08
H71 1PS G . -2.84 -17.91 1.47
H71 1PS G . -1.57 -19.90 0.75
H72 1PS G . -3.97 -17.87 0.13
H72 1PS G . -1.91 -18.64 1.91
H81 1PS G . -3.45 -20.17 -0.47
H81 1PS G . 0.69 -19.52 0.79
H82 1PS G . -2.13 -20.23 0.71
H82 1PS G . 0.50 -17.76 0.90
PA NAD H . 15.48 17.73 -3.11
O1A NAD H . 13.98 17.89 -3.37
O2A NAD H . 15.98 17.31 -1.78
O5B NAD H . 16.25 19.09 -3.52
C5B NAD H . 15.98 19.77 -4.73
C4B NAD H . 16.64 21.13 -4.57
O4B NAD H . 16.42 21.84 -5.79
C3B NAD H . 16.01 21.96 -3.45
O3B NAD H . 17.01 22.39 -2.50
C2B NAD H . 15.32 23.10 -4.18
O2B NAD H . 15.22 24.32 -3.45
C1B NAD H . 16.16 23.18 -5.44
N9A NAD H . 15.49 23.87 -6.54
C8A NAD H . 14.17 23.94 -6.80
N7A NAD H . 13.93 24.66 -7.91
C5A NAD H . 15.13 25.08 -8.34
C6A NAD H . 15.60 25.87 -9.45
N6A NAD H . 14.67 26.36 -10.29
N1A NAD H . 16.92 26.07 -9.59
C2A NAD H . 17.81 25.56 -8.70
N3A NAD H . 17.44 24.81 -7.65
C4A NAD H . 16.14 24.54 -7.45
O3 NAD H . 15.98 16.70 -4.23
PN NAD H . 17.24 15.68 -4.16
O1N NAD H . 18.48 16.48 -3.83
O2N NAD H . 16.92 14.49 -3.31
O5D NAD H . 17.37 15.20 -5.68
C5D NAD H . 18.00 16.10 -6.59
C4D NAD H . 17.67 15.71 -8.01
O4D NAD H . 18.28 14.45 -8.22
C3D NAD H . 16.18 15.50 -8.26
O3D NAD H . 15.82 15.95 -9.56
C2D NAD H . 15.98 14.00 -8.23
O2D NAD H . 14.97 13.58 -9.12
C1D NAD H . 17.35 13.48 -8.67
N1N NAD H . 17.74 12.22 -8.08
C2N NAD H . 18.30 11.29 -8.87
C3N NAD H . 18.70 10.07 -8.33
C7N NAD H . 19.36 8.96 -9.12
O7N NAD H . 19.73 7.98 -8.52
N7N NAD H . 19.58 9.07 -10.42
C4N NAD H . 18.50 9.86 -6.97
C5N NAD H . 17.96 10.84 -6.18
C6N NAD H . 17.59 12.02 -6.77
H51A NAD H . 16.41 19.23 -5.58
H52A NAD H . 14.90 19.87 -4.88
H4B NAD H . 17.71 21.00 -4.39
H3B NAD H . 15.26 21.35 -2.93
HO3A NAD H . 16.59 22.96 -1.83
H2B NAD H . 14.31 22.75 -4.46
HO2A NAD H . 14.63 24.20 -2.70
H1B NAD H . 17.10 23.69 -5.20
H8A NAD H . 13.41 23.45 -6.21
H61A NAD H . 13.70 26.16 -10.13
H62A NAD H . 14.95 26.92 -11.08
H2A NAD H . 18.85 25.76 -8.86
H51N NAD H . 17.67 17.13 -6.40
H52N NAD H . 19.09 16.07 -6.45
H4D NAD H . 18.07 16.45 -8.71
H3D NAD H . 15.58 15.99 -7.48
HO3N NAD H . 14.88 15.80 -9.71
H2D NAD H . 15.77 13.67 -7.19
HO2N NAD H . 14.12 13.96 -8.85
H1D NAD H . 17.36 13.42 -9.76
H2N NAD H . 18.43 11.49 -9.92
H71N NAD H . 20.04 8.32 -10.92
H72N NAD H . 19.29 9.89 -10.92
H4N NAD H . 18.83 8.92 -6.52
H5N NAD H . 17.81 10.68 -5.13
H6N NAD H . 17.13 12.79 -6.16
N AG2 I . 17.66 4.80 -5.42
CA AG2 I . 16.57 5.75 -5.38
CB AG2 I . 16.72 6.84 -6.44
CG AG2 I . 15.48 6.83 -7.32
CD AG2 I . 15.55 7.87 -8.43
NE AG2 I . 14.30 7.85 -9.14
CZ AG2 I . 14.09 7.01 -10.27
NH1 AG2 I . 15.12 6.14 -10.72
NH2 AG2 I . 12.96 6.97 -10.92
HN1 AG2 I . 18.09 4.79 -4.61
HN2 AG2 I . 18.24 5.04 -6.07
HA1 AG2 I . 15.74 5.26 -5.54
HA2 AG2 I . 16.52 6.16 -4.49
HB1 AG2 I . 17.51 6.67 -6.97
HB2 AG2 I . 16.80 7.71 -6.00
HG1 AG2 I . 14.70 7.00 -6.77
HG2 AG2 I . 15.40 5.94 -7.72
HD1 AG2 I . 15.71 8.76 -8.06
HD2 AG2 I . 16.27 7.62 -9.04
HE1 AG2 I . 13.62 8.40 -8.87
HH11 AG2 I . 15.92 6.13 -10.29
HH21 AG2 I . 12.27 7.51 -10.67
HH22 AG2 I . 14.97 5.60 -11.43
N2 PUT J . 17.61 5.18 -4.90
C4 PUT J . 16.44 6.00 -4.91
C3 PUT J . 16.54 7.07 -5.98
C2 PUT J . 15.65 6.69 -7.14
C1 PUT J . 15.89 7.61 -8.33
N1 PUT J . 15.09 7.18 -9.42
HN21 PUT J . 18.19 5.47 -5.56
HN22 PUT J . 17.38 4.31 -5.07
H41 PUT J . 16.31 6.42 -4.03
H42 PUT J . 15.66 5.44 -5.11
H31 PUT J . 17.46 7.15 -6.28
H32 PUT J . 16.25 7.93 -5.61
H21 PUT J . 14.71 6.77 -6.87
H22 PUT J . 15.84 5.77 -7.40
H11 PUT J . 16.84 7.56 -8.58
H12 PUT J . 15.67 8.52 -8.08
HN11 PUT J . 14.60 6.46 -9.18
HN12 PUT J . 15.62 6.97 -10.13
C ACT K . 32.96 -0.57 -20.67
O ACT K . 32.21 0.09 -19.88
OXT ACT K . 32.51 -0.92 -21.79
CH3 ACT K . 34.36 -0.92 -20.29
H1 ACT K . 34.57 -0.54 -19.29
H2 ACT K . 35.06 -0.49 -21.01
H3 ACT K . 34.47 -2.01 -20.28
C ACT L . 24.60 -1.27 -19.58
O ACT L . 25.43 -0.50 -19.03
OXT ACT L . 23.45 -0.83 -19.79
CH3 ACT L . 24.97 -2.68 -19.96
H1 ACT L . 26.01 -2.87 -19.69
H2 ACT L . 24.85 -2.81 -21.03
H3 ACT L . 24.32 -3.38 -19.43
#